data_2OQM
#
_entry.id   2OQM
#
_cell.length_a   62.437
_cell.length_b   71.722
_cell.length_c   93.489
_cell.angle_alpha   90.000
_cell.angle_beta   107.350
_cell.angle_gamma   90.000
#
_symmetry.space_group_name_H-M   'P 1 21 1'
#
loop_
_entity.id
_entity.type
_entity.pdbx_description
1 polymer 'Hypothetical protein'
2 non-polymer 1,2-ETHANEDIOL
3 non-polymer 'FORMIC ACID'
4 non-polymer 'CHLORIDE ION'
5 water water
#
_entity_poly.entity_id   1
_entity_poly.type   'polypeptide(L)'
_entity_poly.pdbx_seq_one_letter_code
;(MSE)GSDKIHHHHHHENLYFQG(MSE)LYDLTVVQFSK(MSE)LKNLNAIFDKAEAFAELKKVD(MSE)DVLLNSRLAA
DQFNLIRQVQIACDTAKVGVARLTGQLETAPKHDDSETTLAELRQRIASVLTYLEGFSEADFANAATIQISQPRWQGKYL
TGYEFAIEHAIPNLYFHITTAYGILRHNGVEVGKKDYLGA(MSE)PYKAPIL
;
_entity_poly.pdbx_strand_id   A,B,C,D
#
# COMPACT_ATOMS: atom_id res chain seq x y z
N HIS A 11 36.53 24.95 29.35
CA HIS A 11 37.27 23.86 28.67
C HIS A 11 37.03 23.93 27.15
N HIS A 12 37.03 25.16 26.62
CA HIS A 12 36.82 25.44 25.18
C HIS A 12 35.44 24.96 24.76
N GLU A 13 34.49 24.94 25.67
CA GLU A 13 33.20 24.29 25.34
C GLU A 13 32.51 24.94 24.12
N ASN A 14 32.62 26.27 23.97
CA ASN A 14 32.06 26.94 22.79
C ASN A 14 32.58 26.34 21.46
N LEU A 15 33.87 26.03 21.41
CA LEU A 15 34.49 25.48 20.21
C LEU A 15 33.90 24.11 19.89
N TYR A 16 33.72 23.30 20.93
CA TYR A 16 33.17 21.96 20.73
C TYR A 16 31.70 21.99 20.37
N PHE A 17 30.91 22.79 21.08
CA PHE A 17 29.51 22.83 20.84
C PHE A 17 29.28 23.34 19.44
N GLN A 18 30.01 24.37 19.05
CA GLN A 18 29.75 24.95 17.74
C GLN A 18 30.15 24.02 16.61
N GLY A 19 31.27 23.35 16.74
CA GLY A 19 31.72 22.41 15.71
C GLY A 19 30.77 21.23 15.52
N LEU A 21 27.52 21.06 16.41
CA LEU A 21 26.20 21.51 15.90
C LEU A 21 26.27 21.84 14.43
N TYR A 22 27.37 22.47 14.00
CA TYR A 22 27.66 22.69 12.58
C TYR A 22 27.72 21.35 11.76
N ASP A 23 28.46 20.40 12.26
CA ASP A 23 28.60 19.10 11.62
C ASP A 23 27.31 18.32 11.57
N LEU A 24 26.49 18.41 12.61
CA LEU A 24 25.24 17.66 12.67
C LEU A 24 24.19 18.22 11.71
N THR A 25 24.28 19.53 11.45
CA THR A 25 23.22 20.23 10.74
C THR A 25 23.71 20.64 9.39
N VAL A 26 24.52 21.68 9.31
CA VAL A 26 24.99 22.12 7.99
C VAL A 26 25.61 21.00 7.17
N VAL A 27 26.55 20.28 7.77
CA VAL A 27 27.32 19.32 7.01
C VAL A 27 26.48 18.04 6.73
N GLN A 28 25.98 17.41 7.76
CA GLN A 28 25.24 16.16 7.58
C GLN A 28 23.91 16.33 6.91
N PHE A 29 23.22 17.44 7.17
CA PHE A 29 21.97 17.69 6.44
C PHE A 29 22.20 17.95 4.96
N SER A 30 23.29 18.64 4.62
CA SER A 30 23.67 18.80 3.20
C SER A 30 23.95 17.45 2.52
N LYS A 31 24.69 16.59 3.18
CA LYS A 31 24.90 15.24 2.71
C LYS A 31 23.63 14.49 2.47
N LEU A 33 20.63 15.68 2.00
CA LEU A 33 19.86 16.29 0.90
C LEU A 33 20.44 15.90 -0.44
N LYS A 34 21.76 15.86 -0.55
CA LYS A 34 22.40 15.33 -1.75
C LYS A 34 21.99 13.87 -1.97
N ASN A 35 21.92 13.13 -0.90
CA ASN A 35 21.47 11.74 -0.97
C ASN A 35 20.03 11.64 -1.45
N LEU A 36 19.19 12.57 -1.02
CA LEU A 36 17.82 12.61 -1.47
C LEU A 36 17.76 12.86 -3.00
N ASN A 37 18.66 13.69 -3.47
CA ASN A 37 18.80 13.91 -4.92
CA ASN A 37 18.76 13.92 -4.91
C ASN A 37 19.13 12.63 -5.67
N ALA A 38 20.06 11.86 -5.11
CA ALA A 38 20.49 10.55 -5.67
C ALA A 38 19.36 9.51 -5.69
N ILE A 39 18.57 9.52 -4.62
CA ILE A 39 17.33 8.75 -4.55
C ILE A 39 16.38 9.06 -5.74
N PHE A 40 16.28 10.34 -6.11
CA PHE A 40 15.41 10.73 -7.21
C PHE A 40 15.97 10.38 -8.56
N ASP A 41 17.28 10.27 -8.65
CA ASP A 41 17.87 9.72 -9.86
C ASP A 41 17.39 8.28 -10.07
N LYS A 42 17.32 7.47 -9.02
CA LYS A 42 16.75 6.13 -9.16
C LYS A 42 15.28 6.17 -9.52
N ALA A 43 14.51 7.08 -8.94
CA ALA A 43 13.07 7.24 -9.29
C ALA A 43 12.90 7.57 -10.78
N GLU A 44 13.72 8.45 -11.33
CA GLU A 44 13.68 8.68 -12.78
C GLU A 44 14.03 7.46 -13.60
N ALA A 45 15.06 6.72 -13.18
CA ALA A 45 15.41 5.47 -13.88
C ALA A 45 14.23 4.51 -13.87
N PHE A 46 13.61 4.30 -12.71
CA PHE A 46 12.43 3.45 -12.59
C PHE A 46 11.28 3.85 -13.52
N ALA A 47 11.00 5.14 -13.53
CA ALA A 47 9.89 5.72 -14.26
C ALA A 47 10.12 5.51 -15.75
N GLU A 48 11.37 5.68 -16.18
CA GLU A 48 11.68 5.47 -17.58
C GLU A 48 11.56 4.00 -17.94
N LEU A 49 12.18 3.16 -17.14
CA LEU A 49 12.19 1.72 -17.36
C LEU A 49 10.83 1.08 -17.30
N LYS A 50 10.02 1.48 -16.34
CA LYS A 50 8.67 0.93 -16.17
C LYS A 50 7.59 1.73 -16.92
N LYS A 51 8.01 2.77 -17.61
CA LYS A 51 7.11 3.68 -18.29
CA LYS A 51 7.10 3.68 -18.30
C LYS A 51 5.99 4.12 -17.34
N VAL A 52 6.41 4.54 -16.15
CA VAL A 52 5.55 5.10 -15.10
C VAL A 52 5.71 6.61 -15.20
N ASP A 53 4.61 7.33 -15.05
CA ASP A 53 4.61 8.76 -15.09
C ASP A 53 5.16 9.29 -13.76
N ASP A 55 4.73 12.04 -12.26
CA ASP A 55 3.64 12.69 -11.54
CA ASP A 55 3.68 12.70 -11.50
C ASP A 55 2.96 11.76 -10.55
N VAL A 56 2.82 10.50 -10.95
CA VAL A 56 2.15 9.48 -10.15
C VAL A 56 2.98 9.25 -8.87
N LEU A 57 4.30 9.12 -9.03
CA LEU A 57 5.21 8.98 -7.89
C LEU A 57 5.21 10.20 -6.98
N LEU A 58 5.32 11.39 -7.57
CA LEU A 58 5.33 12.64 -6.81
C LEU A 58 4.07 12.85 -6.00
N ASN A 59 2.94 12.34 -6.46
CA ASN A 59 1.69 12.50 -5.70
C ASN A 59 1.33 11.30 -4.84
N SER A 60 2.23 10.32 -4.75
CA SER A 60 1.97 9.11 -3.97
CA SER A 60 1.95 9.12 -3.96
C SER A 60 2.27 9.41 -2.51
N ARG A 61 1.75 8.54 -1.66
CA ARG A 61 1.81 8.66 -0.22
C ARG A 61 1.60 7.29 0.45
N LEU A 62 1.97 7.20 1.72
CA LEU A 62 1.86 5.93 2.48
C LEU A 62 0.53 5.76 3.21
N ALA A 63 -0.23 6.84 3.33
CA ALA A 63 -1.55 6.81 3.96
C ALA A 63 -2.34 7.96 3.46
N ALA A 64 -3.64 7.79 3.42
CA ALA A 64 -4.52 8.79 2.79
C ALA A 64 -4.47 10.18 3.45
N ASP A 65 -4.22 10.21 4.76
CA ASP A 65 -4.08 11.47 5.52
C ASP A 65 -2.64 11.81 5.85
N GLN A 66 -1.68 11.24 5.11
CA GLN A 66 -0.26 11.61 5.24
C GLN A 66 0.19 12.40 3.99
N PHE A 67 1.05 13.39 4.20
CA PHE A 67 1.60 14.23 3.10
C PHE A 67 2.25 13.38 2.03
N ASN A 68 2.08 13.77 0.76
CA ASN A 68 2.61 13.04 -0.36
C ASN A 68 4.12 13.32 -0.57
N LEU A 69 4.69 12.71 -1.61
CA LEU A 69 6.13 12.73 -1.79
C LEU A 69 6.67 14.16 -1.99
N ILE A 70 5.97 14.96 -2.78
CA ILE A 70 6.35 16.36 -3.01
C ILE A 70 6.48 17.05 -1.65
N ARG A 71 5.50 16.82 -0.79
CA ARG A 71 5.47 17.46 0.51
C ARG A 71 6.55 17.00 1.45
N GLN A 72 6.84 15.70 1.44
CA GLN A 72 7.92 15.19 2.24
C GLN A 72 9.23 15.88 1.89
N VAL A 73 9.48 16.08 0.58
CA VAL A 73 10.74 16.70 0.12
C VAL A 73 10.76 18.14 0.60
N GLN A 74 9.65 18.84 0.45
CA GLN A 74 9.56 20.21 0.87
C GLN A 74 9.81 20.36 2.38
N ILE A 75 9.23 19.44 3.16
CA ILE A 75 9.39 19.48 4.61
C ILE A 75 10.80 19.10 5.01
N ALA A 76 11.40 18.12 4.36
CA ALA A 76 12.82 17.84 4.58
C ALA A 76 13.68 19.03 4.32
N CYS A 77 13.46 19.73 3.21
CA CYS A 77 14.28 20.88 2.90
C CYS A 77 14.10 22.00 3.96
N ASP A 78 12.86 22.23 4.34
CA ASP A 78 12.54 23.27 5.33
C ASP A 78 13.10 22.92 6.69
N THR A 79 13.09 21.64 7.03
CA THR A 79 13.65 21.25 8.30
C THR A 79 15.12 21.66 8.41
N ALA A 80 15.90 21.34 7.37
CA ALA A 80 17.30 21.70 7.27
C ALA A 80 17.49 23.22 7.27
N LYS A 81 16.76 23.89 6.39
CA LYS A 81 16.93 25.34 6.18
C LYS A 81 16.55 26.12 7.45
N VAL A 82 15.32 25.90 7.93
CA VAL A 82 14.80 26.62 9.10
C VAL A 82 15.51 26.19 10.37
N GLY A 83 15.85 24.92 10.45
CA GLY A 83 16.60 24.39 11.60
C GLY A 83 17.93 25.17 11.77
N VAL A 84 18.68 25.28 10.70
CA VAL A 84 19.94 26.03 10.72
C VAL A 84 19.72 27.52 11.00
N ALA A 85 18.74 28.13 10.31
CA ALA A 85 18.39 29.53 10.54
C ALA A 85 18.11 29.79 12.03
N ARG A 86 17.31 28.93 12.63
CA ARG A 86 16.96 29.03 14.03
C ARG A 86 18.13 28.88 14.98
N LEU A 87 18.98 27.88 14.74
CA LEU A 87 20.10 27.65 15.61
C LEU A 87 21.08 28.80 15.57
N THR A 88 21.18 29.45 14.42
CA THR A 88 22.14 30.54 14.21
C THR A 88 21.54 31.91 14.45
N GLY A 89 20.31 31.96 14.93
CA GLY A 89 19.61 33.23 15.13
C GLY A 89 19.39 34.06 13.88
N GLN A 90 19.31 33.40 12.73
CA GLN A 90 19.10 34.10 11.46
C GLN A 90 17.79 33.80 10.77
N LEU A 91 16.74 33.47 11.52
CA LEU A 91 15.49 33.11 10.88
C LEU A 91 14.95 34.25 10.00
N GLU A 92 15.13 35.49 10.44
CA GLU A 92 14.64 36.63 9.65
C GLU A 92 15.37 36.83 8.29
N THR A 93 16.61 36.35 8.19
CA THR A 93 17.35 36.36 6.93
C THR A 93 17.13 35.12 6.01
N ALA A 94 16.39 34.11 6.50
CA ALA A 94 16.20 32.85 5.74
C ALA A 94 15.38 33.03 4.45
N PRO A 95 15.83 32.39 3.34
CA PRO A 95 15.02 32.37 2.09
C PRO A 95 13.64 31.74 2.25
N LYS A 96 12.63 32.36 1.62
CA LYS A 96 11.24 31.91 1.72
C LYS A 96 10.80 31.10 0.49
N HIS A 97 10.06 30.02 0.73
CA HIS A 97 9.53 29.16 -0.33
C HIS A 97 8.00 29.05 -0.15
N ASP A 98 7.24 29.33 -1.21
CA ASP A 98 5.78 29.19 -1.16
C ASP A 98 5.22 27.75 -1.34
N ASP A 99 6.10 26.76 -1.52
CA ASP A 99 5.67 25.37 -1.67
C ASP A 99 4.79 25.10 -2.88
N SER A 100 5.10 25.79 -3.97
CA SER A 100 4.32 25.68 -5.19
C SER A 100 4.77 24.55 -6.13
N GLU A 101 5.83 23.81 -5.75
CA GLU A 101 6.45 22.85 -6.67
C GLU A 101 5.50 21.71 -7.01
N THR A 102 5.46 21.34 -8.28
CA THR A 102 4.68 20.21 -8.72
C THR A 102 5.46 19.20 -9.53
N THR A 103 6.70 19.55 -9.90
CA THR A 103 7.49 18.72 -10.78
C THR A 103 8.82 18.37 -10.15
N LEU A 104 9.42 17.30 -10.69
CA LEU A 104 10.73 16.87 -10.20
C LEU A 104 11.77 17.99 -10.39
N ALA A 105 11.69 18.74 -11.51
CA ALA A 105 12.66 19.79 -11.74
C ALA A 105 12.62 20.83 -10.65
N GLU A 106 11.40 21.17 -10.26
CA GLU A 106 11.19 22.18 -9.27
C GLU A 106 11.70 21.75 -7.92
N LEU A 107 11.50 20.48 -7.59
CA LEU A 107 12.00 19.91 -6.35
C LEU A 107 13.50 19.88 -6.35
N ARG A 108 14.12 19.51 -7.48
CA ARG A 108 15.60 19.56 -7.56
C ARG A 108 16.12 20.98 -7.33
N GLN A 109 15.38 21.96 -7.83
CA GLN A 109 15.74 23.37 -7.56
C GLN A 109 15.63 23.72 -6.08
N ARG A 110 14.59 23.22 -5.42
CA ARG A 110 14.38 23.47 -3.98
C ARG A 110 15.55 22.92 -3.17
N ILE A 111 15.93 21.69 -3.47
CA ILE A 111 17.11 21.08 -2.82
C ILE A 111 18.35 21.88 -3.06
N ALA A 112 18.57 22.28 -4.32
CA ALA A 112 19.75 23.04 -4.68
C ALA A 112 19.85 24.36 -3.90
N SER A 113 18.71 25.02 -3.73
CA SER A 113 18.65 26.31 -3.02
CA SER A 113 18.70 26.31 -3.05
C SER A 113 19.01 26.12 -1.55
N VAL A 114 18.44 25.09 -0.94
CA VAL A 114 18.77 24.84 0.46
C VAL A 114 20.24 24.50 0.59
N LEU A 115 20.78 23.72 -0.35
CA LEU A 115 22.20 23.40 -0.30
C LEU A 115 23.06 24.62 -0.42
N THR A 116 22.72 25.55 -1.31
CA THR A 116 23.45 26.80 -1.44
C THR A 116 23.36 27.65 -0.17
N TYR A 117 22.16 27.73 0.42
CA TYR A 117 21.99 28.43 1.67
C TYR A 117 22.90 27.86 2.74
N LEU A 118 22.92 26.54 2.88
CA LEU A 118 23.71 25.92 3.92
C LEU A 118 25.20 26.15 3.71
N GLU A 119 25.66 26.18 2.47
CA GLU A 119 27.06 26.49 2.16
C GLU A 119 27.56 27.82 2.70
N GLY A 120 26.64 28.72 2.95
CA GLY A 120 27.00 30.06 3.37
C GLY A 120 27.40 30.16 4.84
N PHE A 121 27.19 29.11 5.62
CA PHE A 121 27.46 29.11 7.05
C PHE A 121 28.83 28.55 7.37
N SER A 122 29.36 28.93 8.53
CA SER A 122 30.59 28.37 9.13
C SER A 122 30.40 27.98 10.59
N GLU A 123 31.40 27.31 11.17
CA GLU A 123 31.36 26.90 12.62
C GLU A 123 31.03 28.09 13.49
N ALA A 124 31.64 29.23 13.17
CA ALA A 124 31.48 30.46 13.96
C ALA A 124 30.05 30.94 14.03
N ASP A 125 29.25 30.68 13.00
CA ASP A 125 27.84 30.99 13.06
C ASP A 125 27.09 30.26 14.15
N PHE A 126 27.66 29.17 14.66
CA PHE A 126 27.05 28.38 15.72
C PHE A 126 27.59 28.66 17.12
N ALA A 127 28.29 29.77 17.29
CA ALA A 127 28.98 30.06 18.55
C ALA A 127 28.09 29.98 19.77
N ASN A 128 26.87 30.47 19.62
CA ASN A 128 25.90 30.43 20.69
C ASN A 128 24.67 29.56 20.42
N ALA A 129 24.75 28.71 19.40
CA ALA A 129 23.67 27.80 19.05
C ALA A 129 23.25 26.89 20.18
N ALA A 130 24.19 26.41 21.01
CA ALA A 130 23.85 25.41 22.02
C ALA A 130 22.84 25.99 23.00
N THR A 131 22.99 27.28 23.29
CA THR A 131 22.19 27.88 24.35
C THR A 131 21.08 28.82 23.87
N ILE A 132 21.02 29.07 22.57
CA ILE A 132 19.98 29.93 22.04
C ILE A 132 18.61 29.34 22.43
N GLN A 133 17.63 30.22 22.70
CA GLN A 133 16.28 29.79 23.06
C GLN A 133 15.40 29.75 21.82
N ILE A 134 14.94 28.55 21.49
CA ILE A 134 14.11 28.34 20.31
C ILE A 134 12.66 28.15 20.78
N SER A 135 11.78 28.98 20.27
CA SER A 135 10.35 28.85 20.58
C SER A 135 9.56 29.03 19.30
N GLN A 136 8.93 27.96 18.84
CA GLN A 136 8.09 28.04 17.63
C GLN A 136 6.74 28.69 17.93
N PRO A 137 6.06 29.18 16.89
CA PRO A 137 4.81 29.94 17.12
C PRO A 137 3.71 29.20 17.87
N ARG A 138 3.69 27.87 17.80
CA ARG A 138 2.66 27.10 18.47
C ARG A 138 3.03 26.57 19.86
N TRP A 139 4.15 27.03 20.43
CA TRP A 139 4.62 26.54 21.72
C TRP A 139 4.28 27.43 22.89
N GLN A 140 3.45 28.45 22.66
CA GLN A 140 2.99 29.35 23.70
C GLN A 140 4.13 29.93 24.55
N GLY A 141 5.22 30.28 23.90
CA GLY A 141 6.35 30.94 24.55
C GLY A 141 7.32 29.97 25.19
N LYS A 142 7.01 28.70 25.18
CA LYS A 142 7.93 27.75 25.77
C LYS A 142 9.10 27.54 24.81
N TYR A 143 10.26 27.18 25.34
CA TYR A 143 11.47 27.06 24.52
C TYR A 143 12.21 25.77 24.78
N LEU A 144 13.06 25.44 23.79
CA LEU A 144 14.12 24.43 23.94
C LEU A 144 15.43 25.17 23.68
N THR A 145 16.52 24.71 24.25
CA THR A 145 17.79 25.27 23.88
C THR A 145 18.11 24.76 22.45
N GLY A 146 19.05 25.42 21.79
CA GLY A 146 19.38 25.03 20.45
C GLY A 146 19.91 23.62 20.40
N TYR A 147 20.61 23.22 21.44
CA TYR A 147 21.21 21.91 21.55
C TYR A 147 20.12 20.84 21.64
N GLU A 148 19.17 21.07 22.54
CA GLU A 148 17.97 20.23 22.64
C GLU A 148 17.16 20.19 21.34
N PHE A 149 16.96 21.34 20.72
CA PHE A 149 16.21 21.43 19.48
C PHE A 149 16.85 20.60 18.39
N ALA A 150 18.17 20.70 18.24
CA ALA A 150 18.91 19.93 17.25
C ALA A 150 18.65 18.44 17.47
N ILE A 151 18.89 18.01 18.70
CA ILE A 151 18.93 16.59 19.02
C ILE A 151 17.56 15.93 19.01
N GLU A 152 16.58 16.64 19.57
CA GLU A 152 15.27 16.08 19.84
C GLU A 152 14.22 16.44 18.82
N HIS A 153 14.47 17.48 18.04
CA HIS A 153 13.46 18.00 17.12
C HIS A 153 13.93 17.99 15.64
N ALA A 154 14.90 18.86 15.32
CA ALA A 154 15.39 19.02 13.96
C ALA A 154 15.99 17.75 13.39
N ILE A 155 16.88 17.08 14.12
CA ILE A 155 17.49 15.88 13.56
C ILE A 155 16.46 14.77 13.30
N PRO A 156 15.67 14.39 14.32
CA PRO A 156 14.64 13.35 14.04
C PRO A 156 13.73 13.68 12.91
N ASN A 157 13.33 14.94 12.78
CA ASN A 157 12.42 15.33 11.74
C ASN A 157 13.03 15.24 10.33
N LEU A 158 14.27 15.65 10.19
CA LEU A 158 14.94 15.58 8.90
C LEU A 158 14.97 14.12 8.44
N TYR A 159 15.39 13.21 9.32
CA TYR A 159 15.46 11.80 8.94
C TYR A 159 14.06 11.16 8.71
N PHE A 160 13.07 11.56 9.51
CA PHE A 160 11.69 11.16 9.30
C PHE A 160 11.21 11.45 7.88
N HIS A 161 11.38 12.69 7.43
CA HIS A 161 10.83 13.04 6.15
C HIS A 161 11.62 12.50 4.95
N ILE A 162 12.94 12.43 5.06
CA ILE A 162 13.73 11.75 4.05
C ILE A 162 13.43 10.23 3.99
N THR A 163 13.33 9.58 5.13
CA THR A 163 12.94 8.18 5.15
C THR A 163 11.54 7.92 4.59
N THR A 164 10.59 8.80 4.86
CA THR A 164 9.24 8.64 4.38
C THR A 164 9.23 8.86 2.89
N ALA A 165 10.02 9.81 2.37
CA ALA A 165 10.15 10.00 0.91
C ALA A 165 10.70 8.72 0.28
N TYR A 166 11.76 8.18 0.89
CA TYR A 166 12.32 6.95 0.45
C TYR A 166 11.29 5.82 0.43
N GLY A 167 10.54 5.67 1.52
CA GLY A 167 9.50 4.66 1.64
C GLY A 167 8.41 4.74 0.57
N ILE A 168 7.97 5.95 0.26
CA ILE A 168 7.01 6.14 -0.80
C ILE A 168 7.56 5.56 -2.10
N LEU A 169 8.81 5.87 -2.44
CA LEU A 169 9.39 5.44 -3.71
C LEU A 169 9.57 3.93 -3.71
N ARG A 170 10.08 3.43 -2.61
CA ARG A 170 10.30 2.00 -2.46
CA ARG A 170 10.30 2.00 -2.44
C ARG A 170 8.99 1.21 -2.59
N HIS A 171 7.95 1.69 -1.95
CA HIS A 171 6.62 1.10 -2.00
C HIS A 171 6.08 1.02 -3.42
N ASN A 172 6.40 2.02 -4.23
CA ASN A 172 5.96 2.09 -5.62
C ASN A 172 6.80 1.25 -6.58
N GLY A 173 7.91 0.72 -6.10
CA GLY A 173 8.76 -0.22 -6.83
C GLY A 173 10.18 0.26 -7.16
N VAL A 174 10.52 1.49 -6.78
CA VAL A 174 11.82 2.04 -7.04
C VAL A 174 12.87 1.27 -6.26
N GLU A 175 13.91 0.80 -6.95
CA GLU A 175 14.96 -0.01 -6.32
C GLU A 175 16.00 0.90 -5.66
N VAL A 176 15.58 1.60 -4.62
CA VAL A 176 16.51 2.38 -3.85
C VAL A 176 16.86 1.47 -2.72
N GLY A 177 18.09 1.63 -2.20
CA GLY A 177 18.57 0.81 -1.10
C GLY A 177 19.17 1.66 -0.02
N LYS A 178 19.55 1.03 1.06
CA LYS A 178 20.15 1.76 2.19
C LYS A 178 21.39 2.58 1.81
N LYS A 179 22.21 2.09 0.89
CA LYS A 179 23.38 2.85 0.45
C LYS A 179 23.00 4.20 -0.17
N ASP A 180 21.82 4.26 -0.79
CA ASP A 180 21.35 5.46 -1.46
C ASP A 180 20.96 6.48 -0.43
N TYR A 181 20.36 6.01 0.66
CA TYR A 181 19.98 6.88 1.80
C TYR A 181 21.17 7.39 2.61
N LEU A 182 22.12 6.54 2.91
CA LEU A 182 23.29 6.91 3.74
C LEU A 182 24.34 7.70 2.94
N GLY A 183 24.58 7.28 1.71
CA GLY A 183 25.60 7.90 0.88
C GLY A 183 26.96 7.35 1.19
N ALA A 184 27.98 7.89 0.54
CA ALA A 184 29.35 7.43 0.76
C ALA A 184 29.84 7.76 2.18
N PRO A 186 33.24 8.29 4.75
CA PRO A 186 34.62 8.76 4.68
C PRO A 186 35.64 7.70 5.20
N TYR A 187 35.59 6.52 4.62
CA TYR A 187 36.41 5.41 5.10
C TYR A 187 37.89 5.76 4.95
N LYS A 188 38.69 5.30 5.91
CA LYS A 188 40.14 5.47 5.86
C LYS A 188 40.78 4.11 5.89
N ALA A 189 41.85 3.98 5.10
CA ALA A 189 42.70 2.79 5.13
C ALA A 189 43.41 2.74 6.48
N PRO A 190 43.55 1.54 7.04
CA PRO A 190 44.27 1.35 8.33
C PRO A 190 45.79 1.58 8.22
N LEU B 15 32.21 17.51 28.88
CA LEU B 15 33.68 17.62 28.56
C LEU B 15 34.08 17.16 27.14
N TYR B 16 34.62 18.09 26.35
CA TYR B 16 34.96 17.86 24.93
C TYR B 16 33.71 17.28 24.22
N PHE B 17 33.82 16.12 23.58
CA PHE B 17 32.65 15.52 22.88
C PHE B 17 32.02 14.36 23.62
N GLN B 18 32.62 13.95 24.73
CA GLN B 18 32.11 12.89 25.64
C GLN B 18 30.60 12.99 25.93
N GLY B 19 30.18 14.16 26.43
CA GLY B 19 28.81 14.32 26.83
C GLY B 19 27.89 14.37 25.63
N LEU B 21 28.40 13.03 22.61
CA LEU B 21 28.22 11.73 21.96
C LEU B 21 27.28 10.82 22.76
N TYR B 22 27.41 10.88 24.07
CA TYR B 22 26.49 10.20 25.00
C TYR B 22 25.05 10.67 24.85
N ASP B 23 24.84 11.98 24.77
CA ASP B 23 23.47 12.50 24.61
C ASP B 23 22.85 12.10 23.25
N LEU B 24 23.69 12.10 22.22
CA LEU B 24 23.23 11.79 20.86
C LEU B 24 22.83 10.33 20.68
N THR B 25 23.44 9.48 21.47
CA THR B 25 23.33 8.02 21.33
C THR B 25 22.58 7.44 22.51
N VAL B 26 23.25 7.19 23.64
CA VAL B 26 22.57 6.68 24.82
C VAL B 26 21.27 7.36 25.16
N VAL B 27 21.24 8.69 25.20
CA VAL B 27 20.09 9.32 25.72
C VAL B 27 19.01 9.41 24.64
N GLN B 28 19.36 9.98 23.48
CA GLN B 28 18.31 10.22 22.46
C GLN B 28 17.84 8.91 21.83
N PHE B 29 18.72 7.93 21.64
CA PHE B 29 18.27 6.62 21.14
C PHE B 29 17.37 5.93 22.16
N SER B 30 17.68 6.05 23.46
CA SER B 30 16.77 5.56 24.48
C SER B 30 15.40 6.17 24.39
N LYS B 31 15.36 7.50 24.19
CA LYS B 31 14.11 8.20 24.02
C LYS B 31 13.33 7.67 22.83
N LEU B 33 13.61 4.69 21.30
CA LEU B 33 13.12 3.35 21.50
C LEU B 33 11.92 3.32 22.42
N LYS B 34 11.92 4.20 23.43
CA LYS B 34 10.77 4.35 24.30
C LYS B 34 9.56 4.83 23.49
N ASN B 35 9.83 5.73 22.57
CA ASN B 35 8.80 6.21 21.67
C ASN B 35 8.24 5.08 20.76
N LEU B 36 9.13 4.21 20.29
CA LEU B 36 8.78 3.05 19.48
C LEU B 36 7.89 2.11 20.28
N ASN B 37 8.23 1.94 21.55
CA ASN B 37 7.40 1.11 22.42
CA ASN B 37 7.39 1.11 22.44
C ASN B 37 5.99 1.71 22.57
N ALA B 38 5.93 3.02 22.74
CA ALA B 38 4.66 3.69 22.88
C ALA B 38 3.83 3.57 21.60
N ILE B 39 4.47 3.71 20.47
CA ILE B 39 3.82 3.51 19.17
C ILE B 39 3.12 2.14 19.12
N PHE B 40 3.78 1.10 19.62
CA PHE B 40 3.11 -0.20 19.67
C PHE B 40 1.90 -0.27 20.58
N ASP B 41 1.82 0.60 21.59
CA ASP B 41 0.60 0.68 22.40
C ASP B 41 -0.56 1.07 21.49
N LYS B 42 -0.30 2.01 20.59
CA LYS B 42 -1.30 2.41 19.60
C LYS B 42 -1.64 1.31 18.60
N ALA B 43 -0.63 0.57 18.15
CA ALA B 43 -0.89 -0.59 17.32
C ALA B 43 -1.81 -1.60 18.04
N GLU B 44 -1.57 -1.82 19.33
CA GLU B 44 -2.47 -2.69 20.10
C GLU B 44 -3.90 -2.16 20.17
N ALA B 45 -4.06 -0.85 20.34
CA ALA B 45 -5.40 -0.26 20.38
C ALA B 45 -6.10 -0.53 19.08
N PHE B 46 -5.36 -0.30 18.00
CA PHE B 46 -5.88 -0.46 16.67
C PHE B 46 -6.33 -1.89 16.44
N ALA B 47 -5.47 -2.83 16.82
CA ALA B 47 -5.73 -4.24 16.62
C ALA B 47 -7.03 -4.66 17.30
N GLU B 48 -7.22 -4.19 18.52
CA GLU B 48 -8.45 -4.52 19.24
C GLU B 48 -9.67 -3.83 18.61
N LEU B 49 -9.59 -2.53 18.37
CA LEU B 49 -10.71 -1.77 17.80
CA LEU B 49 -10.72 -1.78 17.83
C LEU B 49 -11.12 -2.29 16.44
N LYS B 50 -10.14 -2.52 15.57
CA LYS B 50 -10.43 -2.92 14.19
C LYS B 50 -10.50 -4.43 14.03
N LYS B 51 -10.32 -5.16 15.13
CA LYS B 51 -10.31 -6.62 15.10
C LYS B 51 -9.33 -7.13 14.06
N VAL B 52 -8.09 -6.65 14.18
CA VAL B 52 -6.97 -7.06 13.35
C VAL B 52 -6.03 -7.82 14.27
N ASP B 53 -5.55 -8.93 13.80
CA ASP B 53 -4.60 -9.72 14.54
C ASP B 53 -3.23 -9.01 14.51
N ASP B 55 -0.26 -10.13 14.65
CA ASP B 55 0.67 -10.83 13.76
C ASP B 55 0.62 -10.30 12.30
N VAL B 56 -0.57 -9.90 11.88
CA VAL B 56 -0.74 -9.29 10.58
C VAL B 56 0.13 -8.06 10.47
N LEU B 57 0.06 -7.19 11.47
CA LEU B 57 0.85 -5.93 11.47
C LEU B 57 2.36 -6.20 11.57
N LEU B 58 2.74 -7.11 12.45
CA LEU B 58 4.16 -7.45 12.62
C LEU B 58 4.79 -7.98 11.35
N ASN B 59 4.00 -8.69 10.54
CA ASN B 59 4.52 -9.22 9.27
C ASN B 59 4.30 -8.31 8.09
N SER B 60 3.75 -7.12 8.34
CA SER B 60 3.53 -6.15 7.24
C SER B 60 4.84 -5.46 6.84
N ARG B 61 4.82 -4.92 5.61
CA ARG B 61 5.97 -4.28 5.04
C ARG B 61 5.54 -3.22 4.02
N LEU B 62 6.51 -2.40 3.61
CA LEU B 62 6.23 -1.39 2.58
C LEU B 62 6.50 -1.81 1.13
N ALA B 63 7.22 -2.92 0.94
CA ALA B 63 7.54 -3.46 -0.38
C ALA B 63 7.84 -4.95 -0.17
N ALA B 64 7.57 -5.77 -1.20
CA ALA B 64 7.73 -7.24 -1.10
C ALA B 64 9.15 -7.59 -0.70
N ASP B 65 10.09 -6.81 -1.21
CA ASP B 65 11.49 -7.06 -0.96
C ASP B 65 12.14 -6.13 0.07
N GLN B 66 11.35 -5.47 0.91
CA GLN B 66 11.88 -4.79 2.08
C GLN B 66 11.52 -5.55 3.37
N PHE B 67 12.41 -5.50 4.36
CA PHE B 67 12.16 -6.14 5.68
C PHE B 67 10.86 -5.65 6.31
N ASN B 68 10.17 -6.58 6.94
CA ASN B 68 8.90 -6.35 7.64
C ASN B 68 9.06 -5.67 9.00
N LEU B 69 7.93 -5.46 9.69
CA LEU B 69 7.92 -4.61 10.89
C LEU B 69 8.79 -5.18 12.00
N ILE B 70 8.66 -6.48 12.23
CA ILE B 70 9.48 -7.19 13.20
C ILE B 70 10.92 -6.86 12.93
N ARG B 71 11.36 -7.01 11.69
CA ARG B 71 12.76 -6.79 11.36
C ARG B 71 13.15 -5.33 11.56
N GLN B 72 12.28 -4.40 11.16
CA GLN B 72 12.62 -2.99 11.39
C GLN B 72 12.89 -2.71 12.84
N VAL B 73 12.05 -3.25 13.71
CA VAL B 73 12.26 -3.12 15.16
C VAL B 73 13.56 -3.77 15.60
N GLN B 74 13.81 -5.02 15.19
CA GLN B 74 15.06 -5.67 15.52
C GLN B 74 16.27 -4.86 15.07
N ILE B 75 16.22 -4.32 13.85
CA ILE B 75 17.35 -3.55 13.35
C ILE B 75 17.53 -2.22 14.08
N ALA B 76 16.46 -1.56 14.45
CA ALA B 76 16.57 -0.31 15.20
C ALA B 76 17.22 -0.56 16.57
N CYS B 77 16.82 -1.64 17.23
CA CYS B 77 17.46 -2.02 18.49
C CYS B 77 18.96 -2.34 18.38
N ASP B 78 19.30 -3.17 17.41
CA ASP B 78 20.69 -3.52 17.17
C ASP B 78 21.48 -2.26 16.77
N THR B 79 20.88 -1.32 16.03
CA THR B 79 21.59 -0.12 15.65
C THR B 79 22.01 0.67 16.91
N ALA B 80 21.10 0.76 17.87
CA ALA B 80 21.37 1.52 19.07
C ALA B 80 22.38 0.78 19.89
N LYS B 81 22.15 -0.50 20.08
CA LYS B 81 23.00 -1.33 20.92
C LYS B 81 24.43 -1.41 20.39
N VAL B 82 24.58 -1.81 19.14
CA VAL B 82 25.89 -2.00 18.57
C VAL B 82 26.60 -0.65 18.38
N GLY B 83 25.84 0.38 18.02
CA GLY B 83 26.38 1.74 17.90
C GLY B 83 27.09 2.18 19.18
N VAL B 84 26.45 1.96 20.33
CA VAL B 84 27.04 2.40 21.56
C VAL B 84 28.22 1.49 21.97
N ALA B 85 28.06 0.21 21.72
CA ALA B 85 29.14 -0.72 21.98
C ALA B 85 30.40 -0.32 21.20
N ARG B 86 30.25 -0.04 19.91
CA ARG B 86 31.40 0.34 19.10
C ARG B 86 32.04 1.67 19.53
N LEU B 87 31.22 2.70 19.80
CA LEU B 87 31.72 4.01 20.18
C LEU B 87 32.49 4.00 21.50
N THR B 88 32.06 3.14 22.42
CA THR B 88 32.67 3.04 23.73
C THR B 88 33.80 2.00 23.76
N GLY B 89 33.98 1.23 22.70
CA GLY B 89 35.01 0.19 22.68
C GLY B 89 34.70 -0.98 23.58
N GLN B 90 33.44 -1.19 23.92
CA GLN B 90 33.08 -2.29 24.82
C GLN B 90 32.43 -3.37 24.03
N LEU B 91 33.27 -4.15 23.37
CA LEU B 91 32.82 -5.18 22.43
C LEU B 91 32.84 -6.60 23.03
N GLU B 92 33.45 -6.74 24.19
CA GLU B 92 33.61 -8.05 24.79
C GLU B 92 32.27 -8.67 25.20
N THR B 93 31.34 -7.85 25.70
CA THR B 93 30.05 -8.37 26.16
C THR B 93 28.96 -7.39 25.87
N ALA B 94 27.93 -7.87 25.20
CA ALA B 94 26.73 -7.11 25.01
C ALA B 94 25.61 -8.15 24.87
N PRO B 95 24.38 -7.72 25.10
CA PRO B 95 23.29 -8.65 24.94
C PRO B 95 23.29 -9.28 23.56
N LYS B 96 22.99 -10.57 23.50
CA LYS B 96 22.91 -11.29 22.24
C LYS B 96 21.46 -11.63 21.93
N HIS B 97 20.98 -11.11 20.81
CA HIS B 97 19.64 -11.41 20.33
C HIS B 97 19.72 -12.24 19.07
N ASP B 98 18.79 -13.14 18.87
CA ASP B 98 18.88 -14.04 17.73
C ASP B 98 17.78 -13.84 16.71
N ASP B 99 16.94 -12.82 16.88
CA ASP B 99 15.94 -12.47 15.89
C ASP B 99 14.85 -13.53 15.78
N SER B 100 14.66 -14.24 16.89
CA SER B 100 13.66 -15.30 16.97
C SER B 100 12.29 -14.76 17.32
N GLU B 101 12.21 -13.52 17.75
CA GLU B 101 10.94 -12.88 18.10
C GLU B 101 9.88 -12.97 16.99
N THR B 102 8.69 -13.35 17.38
CA THR B 102 7.60 -13.41 16.40
C THR B 102 6.37 -12.70 16.90
N THR B 103 6.41 -12.31 18.19
CA THR B 103 5.28 -11.71 18.88
C THR B 103 5.66 -10.33 19.40
N LEU B 104 4.62 -9.55 19.68
CA LEU B 104 4.80 -8.23 20.24
C LEU B 104 5.45 -8.30 21.63
N ALA B 105 4.99 -9.23 22.47
CA ALA B 105 5.66 -9.47 23.76
C ALA B 105 7.16 -9.62 23.62
N GLU B 106 7.58 -10.47 22.70
CA GLU B 106 9.00 -10.66 22.45
C GLU B 106 9.75 -9.40 22.01
N LEU B 107 9.15 -8.65 21.10
CA LEU B 107 9.77 -7.44 20.60
C LEU B 107 9.87 -6.37 21.68
N ARG B 108 8.86 -6.28 22.53
CA ARG B 108 8.98 -5.44 23.69
C ARG B 108 10.09 -5.89 24.62
N GLN B 109 10.33 -7.19 24.75
CA GLN B 109 11.45 -7.65 25.60
C GLN B 109 12.77 -7.19 24.98
N ARG B 110 12.85 -7.32 23.66
CA ARG B 110 14.01 -6.83 22.96
C ARG B 110 14.24 -5.32 23.12
N ILE B 111 13.19 -4.51 23.00
CA ILE B 111 13.35 -3.06 23.24
C ILE B 111 13.84 -2.84 24.70
N ALA B 112 13.19 -3.50 25.64
CA ALA B 112 13.55 -3.36 27.06
C ALA B 112 15.01 -3.70 27.31
N SER B 113 15.45 -4.79 26.69
CA SER B 113 16.83 -5.28 26.84
C SER B 113 17.86 -4.22 26.41
N VAL B 114 17.62 -3.60 25.26
CA VAL B 114 18.52 -2.56 24.80
C VAL B 114 18.44 -1.29 25.70
N LEU B 115 17.24 -0.93 26.14
CA LEU B 115 17.08 0.19 27.08
C LEU B 115 17.86 -0.05 28.36
N THR B 116 17.74 -1.26 28.89
CA THR B 116 18.51 -1.62 30.08
C THR B 116 20.01 -1.54 29.82
N TYR B 117 20.46 -2.06 28.69
CA TYR B 117 21.88 -2.03 28.32
C TYR B 117 22.38 -0.58 28.25
N LEU B 118 21.62 0.27 27.57
CA LEU B 118 22.02 1.65 27.40
C LEU B 118 22.04 2.42 28.72
N GLU B 119 21.20 2.01 29.66
CA GLU B 119 21.17 2.62 30.99
C GLU B 119 22.46 2.41 31.77
N GLY B 120 23.21 1.37 31.42
CA GLY B 120 24.43 1.05 32.13
C GLY B 120 25.61 1.93 31.79
N PHE B 121 25.49 2.73 30.74
CA PHE B 121 26.58 3.63 30.33
C PHE B 121 26.51 5.00 31.00
N SER B 122 27.68 5.64 31.11
CA SER B 122 27.76 7.05 31.51
C SER B 122 28.59 7.82 30.51
N GLU B 123 28.50 9.13 30.64
CA GLU B 123 29.33 10.04 29.85
CA GLU B 123 29.32 10.07 29.89
C GLU B 123 30.79 9.63 29.86
N ALA B 124 31.29 9.08 30.97
CA ALA B 124 32.71 8.73 31.06
C ALA B 124 33.08 7.60 30.10
N ASP B 125 32.10 6.77 29.75
CA ASP B 125 32.32 5.65 28.81
C ASP B 125 32.61 6.14 27.41
N PHE B 126 32.29 7.41 27.14
CA PHE B 126 32.51 8.04 25.83
C PHE B 126 33.79 8.91 25.78
N ALA B 127 34.69 8.73 26.75
CA ALA B 127 35.87 9.56 26.85
C ALA B 127 36.62 9.70 25.51
N ASN B 128 36.78 8.59 24.81
CA ASN B 128 37.49 8.64 23.55
C ASN B 128 36.66 8.26 22.32
N ALA B 129 35.34 8.41 22.43
CA ALA B 129 34.43 8.01 21.36
C ALA B 129 34.61 8.82 20.12
N ALA B 130 34.93 10.11 20.25
CA ALA B 130 35.12 10.94 19.06
C ALA B 130 36.23 10.39 18.14
N THR B 131 37.28 9.84 18.75
CA THR B 131 38.50 9.49 18.05
C THR B 131 38.76 7.99 17.90
N ILE B 132 37.94 7.15 18.53
CA ILE B 132 38.07 5.69 18.39
C ILE B 132 37.96 5.31 16.91
N GLN B 133 38.72 4.32 16.46
CA GLN B 133 38.56 3.87 15.05
C GLN B 133 37.57 2.73 15.06
N ILE B 134 36.61 2.80 14.15
CA ILE B 134 35.55 1.81 14.06
C ILE B 134 35.63 1.15 12.71
N SER B 135 35.65 -0.20 12.71
CA SER B 135 35.63 -0.97 11.48
C SER B 135 34.66 -2.14 11.66
N GLN B 136 33.61 -2.21 10.83
CA GLN B 136 32.69 -3.36 10.84
C GLN B 136 33.30 -4.55 10.10
N PRO B 137 32.76 -5.76 10.32
CA PRO B 137 33.38 -6.93 9.66
C PRO B 137 33.40 -6.86 8.11
N ARG B 138 32.37 -6.25 7.51
CA ARG B 138 32.27 -6.22 6.04
C ARG B 138 33.07 -5.05 5.39
N TRP B 139 33.88 -4.34 6.19
CA TRP B 139 34.48 -3.07 5.76
C TRP B 139 35.90 -3.24 5.22
N GLN B 140 36.43 -4.46 5.28
CA GLN B 140 37.76 -4.82 4.74
C GLN B 140 38.90 -4.03 5.41
N GLY B 141 38.78 -3.82 6.72
CA GLY B 141 39.83 -3.12 7.48
C GLY B 141 39.69 -1.60 7.42
N LYS B 142 38.82 -1.09 6.55
CA LYS B 142 38.64 0.35 6.46
C LYS B 142 37.88 0.81 7.72
N TYR B 143 38.19 2.00 8.20
CA TYR B 143 37.58 2.50 9.45
C TYR B 143 37.03 3.93 9.34
N LEU B 144 36.12 4.26 10.26
CA LEU B 144 35.63 5.61 10.47
C LEU B 144 36.04 5.96 11.87
N THR B 145 36.17 7.26 12.16
CA THR B 145 36.32 7.71 13.54
C THR B 145 34.96 7.53 14.19
N GLY B 146 34.92 7.39 15.51
CA GLY B 146 33.63 7.33 16.20
C GLY B 146 32.74 8.54 15.96
N TYR B 147 33.34 9.72 15.86
CA TYR B 147 32.58 10.94 15.54
C TYR B 147 31.84 10.82 14.16
N GLU B 148 32.56 10.45 13.13
CA GLU B 148 32.00 10.20 11.81
C GLU B 148 30.97 9.06 11.85
N PHE B 149 31.32 7.98 12.52
CA PHE B 149 30.42 6.85 12.63
C PHE B 149 29.06 7.24 13.27
N ALA B 150 29.11 8.07 14.31
CA ALA B 150 27.90 8.42 15.01
C ALA B 150 27.04 9.31 14.10
N ILE B 151 27.69 10.27 13.45
CA ILE B 151 26.96 11.28 12.70
C ILE B 151 26.43 10.74 11.35
N GLU B 152 27.25 9.97 10.67
CA GLU B 152 27.02 9.55 9.30
C GLU B 152 26.42 8.15 9.14
N HIS B 153 26.50 7.35 10.17
CA HIS B 153 26.10 5.93 10.08
C HIS B 153 25.05 5.53 11.13
N ALA B 154 25.41 5.54 12.42
CA ALA B 154 24.51 5.13 13.49
C ALA B 154 23.23 5.94 13.56
N ILE B 155 23.37 7.26 13.64
CA ILE B 155 22.20 8.13 13.78
C ILE B 155 21.23 7.99 12.58
N PRO B 156 21.73 8.18 11.37
CA PRO B 156 20.78 8.00 10.25
C PRO B 156 20.13 6.63 10.21
N ASN B 157 20.91 5.58 10.48
CA ASN B 157 20.36 4.21 10.51
C ASN B 157 19.26 4.02 11.56
N LEU B 158 19.40 4.64 12.73
CA LEU B 158 18.40 4.47 13.78
C LEU B 158 17.09 5.12 13.36
N TYR B 159 17.17 6.34 12.86
CA TYR B 159 15.95 7.03 12.41
C TYR B 159 15.30 6.37 11.19
N PHE B 160 16.14 5.84 10.29
CA PHE B 160 15.64 5.12 9.15
C PHE B 160 14.68 3.98 9.59
N HIS B 161 15.18 3.06 10.40
CA HIS B 161 14.40 1.91 10.78
C HIS B 161 13.22 2.23 11.67
N ILE B 162 13.37 3.17 12.59
CA ILE B 162 12.22 3.59 13.38
C ILE B 162 11.13 4.26 12.48
N THR B 163 11.53 5.11 11.54
CA THR B 163 10.55 5.77 10.66
C THR B 163 9.88 4.70 9.79
N THR B 164 10.63 3.72 9.33
CA THR B 164 10.07 2.69 8.46
C THR B 164 9.04 1.87 9.28
N ALA B 165 9.36 1.54 10.52
CA ALA B 165 8.41 0.82 11.42
C ALA B 165 7.13 1.65 11.57
N TYR B 166 7.31 2.93 11.90
CA TYR B 166 6.18 3.93 11.92
C TYR B 166 5.33 3.93 10.67
N GLY B 167 5.99 3.98 9.53
CA GLY B 167 5.33 3.99 8.24
C GLY B 167 4.54 2.76 7.93
N ILE B 168 5.06 1.58 8.30
CA ILE B 168 4.31 0.36 8.11
C ILE B 168 3.00 0.39 8.92
N LEU B 169 3.08 0.80 10.17
CA LEU B 169 1.93 0.89 11.01
C LEU B 169 0.99 1.94 10.47
N ARG B 170 1.55 3.09 10.16
CA ARG B 170 0.73 4.17 9.62
C ARG B 170 -0.01 3.78 8.32
N HIS B 171 0.71 3.15 7.41
CA HIS B 171 0.14 2.65 6.15
C HIS B 171 -1.04 1.70 6.36
N ASN B 172 -0.97 0.88 7.40
CA ASN B 172 -2.02 -0.09 7.72
C ASN B 172 -3.20 0.42 8.50
N GLY B 173 -3.10 1.68 8.92
CA GLY B 173 -4.22 2.43 9.48
C GLY B 173 -4.04 2.76 10.94
N VAL B 174 -2.91 2.38 11.52
CA VAL B 174 -2.62 2.73 12.96
C VAL B 174 -2.52 4.28 13.08
N GLU B 175 -3.30 4.87 13.97
CA GLU B 175 -3.35 6.33 14.10
C GLU B 175 -2.16 6.87 14.91
N VAL B 176 -0.96 6.68 14.40
CA VAL B 176 0.22 7.34 14.95
C VAL B 176 0.43 8.66 14.21
N GLY B 177 0.98 9.61 14.95
CA GLY B 177 1.35 10.88 14.38
C GLY B 177 2.75 11.30 14.80
N LYS B 178 3.13 12.48 14.34
CA LYS B 178 4.48 12.96 14.54
C LYS B 178 4.81 13.02 16.00
N LYS B 179 3.84 13.35 16.84
CA LYS B 179 4.11 13.44 18.26
C LYS B 179 4.52 12.10 18.89
N ASP B 180 4.02 10.99 18.34
CA ASP B 180 4.36 9.66 18.80
C ASP B 180 5.79 9.30 18.46
N TYR B 181 6.23 9.77 17.29
CA TYR B 181 7.58 9.58 16.82
C TYR B 181 8.61 10.45 17.55
N LEU B 182 8.29 11.72 17.77
CA LEU B 182 9.24 12.57 18.47
C LEU B 182 9.26 12.38 19.98
N GLY B 183 8.11 12.08 20.57
CA GLY B 183 8.03 11.96 22.03
C GLY B 183 7.86 13.35 22.66
N ALA B 184 7.89 13.38 23.96
CA ALA B 184 7.78 14.66 24.73
C ALA B 184 9.05 15.50 24.58
N PRO B 186 11.46 18.67 26.13
CA PRO B 186 11.80 19.29 27.40
C PRO B 186 11.55 20.80 27.43
N TYR B 187 10.29 21.19 27.21
CA TYR B 187 9.93 22.61 27.12
C TYR B 187 10.13 23.33 28.45
N LYS B 188 10.66 24.55 28.37
CA LYS B 188 10.92 25.40 29.54
C LYS B 188 10.26 26.75 29.32
N ALA B 189 9.97 27.42 30.41
CA ALA B 189 9.34 28.75 30.33
C ALA B 189 10.45 29.74 30.45
N PRO B 190 10.42 30.83 29.66
CA PRO B 190 11.47 31.84 29.76
C PRO B 190 11.51 32.52 31.10
N ILE B 191 12.70 32.72 31.66
CA ILE B 191 12.79 33.45 32.97
C ILE B 191 13.61 34.76 32.87
N LEU B 192 14.11 35.12 31.69
CA LEU B 192 14.86 36.37 31.49
C LEU B 192 14.64 36.88 30.08
CA ASN C 14 -31.64 -24.12 -27.88
C ASN C 14 -30.80 -23.73 -26.67
N LEU C 15 -30.67 -22.42 -26.41
CA LEU C 15 -30.05 -21.87 -25.17
C LEU C 15 -31.13 -21.71 -24.10
N TYR C 16 -31.27 -22.70 -23.21
CA TYR C 16 -32.30 -22.65 -22.18
C TYR C 16 -31.64 -22.39 -20.83
N PHE C 17 -32.42 -22.31 -19.75
CA PHE C 17 -31.81 -22.02 -18.44
C PHE C 17 -30.74 -23.03 -18.02
N GLN C 18 -30.99 -24.33 -18.21
CA GLN C 18 -30.03 -25.31 -17.70
C GLN C 18 -28.69 -25.10 -18.41
N GLY C 19 -28.70 -24.92 -19.72
CA GLY C 19 -27.47 -24.70 -20.45
C GLY C 19 -26.76 -23.40 -20.15
N LEU C 21 -27.04 -21.58 -17.35
CA LEU C 21 -26.53 -21.59 -15.98
C LEU C 21 -25.26 -22.43 -15.90
N TYR C 22 -25.24 -23.51 -16.66
CA TYR C 22 -24.08 -24.37 -16.79
C TYR C 22 -22.90 -23.59 -17.35
N ASP C 23 -23.18 -22.84 -18.45
CA ASP C 23 -22.17 -22.03 -19.06
C ASP C 23 -21.65 -20.93 -18.15
N LEU C 24 -22.53 -20.35 -17.35
CA LEU C 24 -22.17 -19.24 -16.48
C LEU C 24 -21.35 -19.66 -15.29
N THR C 25 -21.57 -20.88 -14.82
CA THR C 25 -20.92 -21.36 -13.62
C THR C 25 -19.86 -22.40 -14.00
N VAL C 26 -20.26 -23.62 -14.26
CA VAL C 26 -19.26 -24.69 -14.54
C VAL C 26 -18.21 -24.26 -15.57
N VAL C 27 -18.64 -23.72 -16.69
CA VAL C 27 -17.69 -23.48 -17.76
C VAL C 27 -16.86 -22.24 -17.46
N GLN C 28 -17.53 -21.12 -17.27
CA GLN C 28 -16.81 -19.90 -17.07
C GLN C 28 -16.06 -19.83 -15.75
N PHE C 29 -16.59 -20.38 -14.67
CA PHE C 29 -15.82 -20.35 -13.45
C PHE C 29 -14.57 -21.22 -13.62
N SER C 30 -14.66 -22.30 -14.39
CA SER C 30 -13.48 -23.15 -14.67
C SER C 30 -12.44 -22.33 -15.44
N LYS C 31 -12.90 -21.59 -16.44
CA LYS C 31 -12.00 -20.73 -17.21
C LYS C 31 -11.26 -19.77 -16.30
N LEU C 33 -10.83 -19.86 -12.98
CA LEU C 33 -9.83 -20.55 -12.10
C LEU C 33 -8.55 -21.00 -12.79
N LYS C 34 -8.63 -21.47 -14.02
CA LYS C 34 -7.43 -21.72 -14.78
C LYS C 34 -6.63 -20.43 -14.97
N ASN C 35 -7.34 -19.34 -15.17
CA ASN C 35 -6.70 -18.05 -15.37
C ASN C 35 -5.97 -17.64 -14.10
N LEU C 36 -6.59 -17.92 -12.97
CA LEU C 36 -5.98 -17.65 -11.67
C LEU C 36 -4.74 -18.48 -11.44
N ASN C 37 -4.83 -19.76 -11.77
CA ASN C 37 -3.70 -20.63 -11.72
C ASN C 37 -2.54 -20.09 -12.53
N ALA C 38 -2.80 -19.60 -13.73
CA ALA C 38 -1.76 -18.99 -14.57
C ALA C 38 -1.16 -17.71 -14.03
N ILE C 39 -2.00 -16.84 -13.45
CA ILE C 39 -1.55 -15.62 -12.80
C ILE C 39 -0.38 -15.95 -11.84
N PHE C 40 -0.45 -17.08 -11.17
CA PHE C 40 0.60 -17.47 -10.24
C PHE C 40 1.92 -17.83 -10.92
N ASP C 41 1.89 -18.18 -12.21
CA ASP C 41 3.13 -18.31 -12.98
C ASP C 41 3.86 -16.99 -13.00
N LYS C 42 3.12 -15.89 -13.13
CA LYS C 42 3.76 -14.57 -13.10
C LYS C 42 4.24 -14.19 -11.71
N ALA C 43 3.52 -14.61 -10.67
CA ALA C 43 3.96 -14.42 -9.30
C ALA C 43 5.29 -15.09 -9.05
N GLU C 44 5.43 -16.31 -9.59
CA GLU C 44 6.68 -17.07 -9.42
C GLU C 44 7.80 -16.35 -10.14
N ALA C 45 7.54 -15.87 -11.35
CA ALA C 45 8.58 -15.17 -12.12
C ALA C 45 9.03 -13.90 -11.37
N PHE C 46 8.08 -13.19 -10.76
CA PHE C 46 8.38 -12.01 -9.99
C PHE C 46 9.25 -12.35 -8.77
N ALA C 47 8.79 -13.34 -8.00
CA ALA C 47 9.45 -13.76 -6.76
C ALA C 47 10.92 -14.16 -7.06
N GLU C 48 11.12 -14.85 -8.16
CA GLU C 48 12.46 -15.26 -8.54
C GLU C 48 13.30 -14.03 -8.87
N LEU C 49 12.75 -13.14 -9.68
CA LEU C 49 13.49 -11.98 -10.10
C LEU C 49 13.87 -11.04 -8.97
N LYS C 50 12.94 -10.82 -8.06
CA LYS C 50 13.16 -9.86 -6.99
C LYS C 50 13.79 -10.55 -5.76
N LYS C 51 13.99 -11.86 -5.86
CA LYS C 51 14.57 -12.64 -4.78
C LYS C 51 13.74 -12.48 -3.52
N VAL C 52 12.45 -12.74 -3.69
CA VAL C 52 11.42 -12.63 -2.66
C VAL C 52 10.77 -14.01 -2.49
N ASP C 53 10.62 -14.45 -1.24
CA ASP C 53 9.96 -15.74 -0.98
C ASP C 53 8.51 -15.63 -1.38
N ASP C 55 6.08 -17.00 -0.06
CA ASP C 55 5.38 -16.76 1.17
C ASP C 55 5.03 -15.29 1.43
N VAL C 56 5.90 -14.37 1.02
CA VAL C 56 5.57 -12.92 1.22
C VAL C 56 4.33 -12.54 0.44
N LEU C 57 4.26 -13.02 -0.78
CA LEU C 57 3.16 -12.69 -1.68
C LEU C 57 1.91 -13.38 -1.18
N LEU C 58 2.04 -14.65 -0.80
CA LEU C 58 0.85 -15.43 -0.33
C LEU C 58 0.17 -14.87 0.90
N ASN C 59 0.96 -14.24 1.79
CA ASN C 59 0.43 -13.64 3.03
C ASN C 59 0.12 -12.16 2.90
N SER C 60 0.27 -11.59 1.70
CA SER C 60 0.00 -10.19 1.48
CA SER C 60 -0.01 -10.19 1.46
C SER C 60 -1.50 -9.92 1.37
N ARG C 61 -1.87 -8.64 1.46
CA ARG C 61 -3.25 -8.22 1.49
C ARG C 61 -3.39 -6.77 1.09
N LEU C 62 -4.62 -6.35 0.77
CA LEU C 62 -4.91 -4.98 0.44
C LEU C 62 -5.30 -4.13 1.63
N ALA C 63 -5.66 -4.73 2.76
CA ALA C 63 -5.91 -3.97 3.97
C ALA C 63 -5.72 -4.86 5.15
N ALA C 64 -5.38 -4.28 6.30
CA ALA C 64 -4.99 -5.07 7.51
C ALA C 64 -6.10 -6.04 7.92
N ASP C 65 -7.33 -5.59 7.75
CA ASP C 65 -8.50 -6.41 8.11
C ASP C 65 -9.16 -7.11 6.94
N GLN C 66 -8.48 -7.25 5.82
CA GLN C 66 -9.05 -8.01 4.71
C GLN C 66 -8.24 -9.30 4.56
N PHE C 67 -8.93 -10.35 4.16
CA PHE C 67 -8.28 -11.62 3.88
C PHE C 67 -7.11 -11.50 2.92
N ASN C 68 -6.07 -12.30 3.20
CA ASN C 68 -4.85 -12.36 2.39
C ASN C 68 -4.98 -13.21 1.15
N LEU C 69 -3.91 -13.26 0.37
CA LEU C 69 -3.93 -13.88 -0.96
C LEU C 69 -4.30 -15.35 -0.86
N ILE C 70 -3.77 -16.04 0.12
CA ILE C 70 -4.08 -17.46 0.25
C ILE C 70 -5.59 -17.58 0.43
N ARG C 71 -6.12 -16.76 1.33
CA ARG C 71 -7.54 -16.86 1.63
C ARG C 71 -8.38 -16.45 0.42
N GLN C 72 -7.94 -15.45 -0.34
CA GLN C 72 -8.69 -15.02 -1.52
C GLN C 72 -8.80 -16.19 -2.50
N VAL C 73 -7.72 -16.95 -2.67
CA VAL C 73 -7.74 -18.09 -3.57
C VAL C 73 -8.68 -19.21 -3.06
N GLN C 74 -8.57 -19.52 -1.78
CA GLN C 74 -9.45 -20.51 -1.17
C GLN C 74 -10.92 -20.15 -1.34
N ILE C 75 -11.25 -18.89 -1.13
CA ILE C 75 -12.64 -18.45 -1.19
C ILE C 75 -13.16 -18.43 -2.66
N ALA C 76 -12.31 -18.03 -3.61
CA ALA C 76 -12.63 -18.18 -5.03
C ALA C 76 -13.01 -19.63 -5.38
N CYS C 77 -12.14 -20.56 -4.99
CA CYS C 77 -12.34 -21.97 -5.17
C CYS C 77 -13.64 -22.46 -4.54
N ASP C 78 -13.90 -22.06 -3.31
CA ASP C 78 -15.13 -22.48 -2.65
C ASP C 78 -16.38 -21.84 -3.30
N THR C 79 -16.25 -20.61 -3.76
CA THR C 79 -17.38 -19.92 -4.37
C THR C 79 -17.85 -20.70 -5.56
N ALA C 80 -16.90 -21.17 -6.38
CA ALA C 80 -17.24 -21.96 -7.57
C ALA C 80 -17.76 -23.36 -7.17
N LYS C 81 -17.05 -24.02 -6.26
CA LYS C 81 -17.43 -25.37 -5.84
C LYS C 81 -18.82 -25.40 -5.20
N VAL C 82 -18.98 -24.60 -4.14
CA VAL C 82 -20.24 -24.55 -3.41
C VAL C 82 -21.36 -23.96 -4.27
N GLY C 83 -21.04 -22.98 -5.10
CA GLY C 83 -22.06 -22.39 -5.95
C GLY C 83 -22.72 -23.39 -6.87
N VAL C 84 -21.89 -24.18 -7.53
CA VAL C 84 -22.37 -25.20 -8.44
C VAL C 84 -23.05 -26.36 -7.66
N ALA C 85 -22.51 -26.73 -6.52
CA ALA C 85 -23.19 -27.72 -5.68
C ALA C 85 -24.60 -27.28 -5.27
N ARG C 86 -24.72 -26.03 -4.85
CA ARG C 86 -26.01 -25.51 -4.44
C ARG C 86 -27.03 -25.44 -5.59
N LEU C 87 -26.62 -24.88 -6.73
CA LEU C 87 -27.50 -24.79 -7.91
C LEU C 87 -28.04 -26.15 -8.38
N THR C 88 -27.21 -27.17 -8.22
CA THR C 88 -27.54 -28.50 -8.72
C THR C 88 -28.12 -29.41 -7.64
N GLY C 89 -28.30 -28.86 -6.44
CA GLY C 89 -28.83 -29.62 -5.33
C GLY C 89 -27.93 -30.74 -4.81
N GLN C 90 -26.61 -30.60 -5.00
CA GLN C 90 -25.61 -31.63 -4.62
C GLN C 90 -24.64 -31.20 -3.54
N LEU C 91 -25.09 -30.34 -2.63
CA LEU C 91 -24.22 -29.83 -1.56
C LEU C 91 -23.77 -30.94 -0.59
N GLU C 92 -24.63 -31.91 -0.38
CA GLU C 92 -24.30 -33.08 0.45
C GLU C 92 -23.04 -33.80 -0.03
N THR C 93 -22.81 -33.81 -1.34
CA THR C 93 -21.76 -34.62 -1.95
C THR C 93 -20.53 -33.80 -2.42
N ALA C 94 -20.55 -32.50 -2.15
CA ALA C 94 -19.43 -31.62 -2.53
C ALA C 94 -18.21 -31.98 -1.69
N PRO C 95 -17.01 -31.98 -2.31
CA PRO C 95 -15.78 -32.26 -1.55
C PRO C 95 -15.47 -31.19 -0.49
N LYS C 96 -14.96 -31.68 0.65
CA LYS C 96 -14.52 -30.83 1.77
C LYS C 96 -13.03 -30.51 1.61
N HIS C 97 -12.68 -29.26 1.92
CA HIS C 97 -11.29 -28.82 1.98
C HIS C 97 -11.06 -28.15 3.35
N ASP C 98 -10.06 -28.63 4.08
N ASP C 98 -9.97 -28.49 4.03
CA ASP C 98 -9.47 -27.86 5.16
CA ASP C 98 -9.69 -28.00 5.40
C ASP C 98 -8.69 -26.76 4.48
C ASP C 98 -9.07 -26.60 5.48
N ASP C 99 -8.82 -25.54 4.97
N ASP C 99 -8.82 -25.97 4.33
CA ASP C 99 -8.13 -24.43 4.38
CA ASP C 99 -8.22 -24.64 4.31
C ASP C 99 -6.71 -24.45 4.89
C ASP C 99 -6.92 -24.62 5.10
N SER C 100 -6.07 -25.61 4.80
CA SER C 100 -4.81 -25.82 5.46
C SER C 100 -3.64 -25.43 4.58
N GLU C 101 -3.92 -24.95 3.38
CA GLU C 101 -2.87 -24.63 2.43
C GLU C 101 -2.02 -23.47 2.96
N THR C 102 -0.72 -23.62 2.79
CA THR C 102 0.22 -22.57 3.09
C THR C 102 1.20 -22.31 1.94
N THR C 103 1.29 -23.23 0.98
CA THR C 103 2.22 -23.08 -0.13
C THR C 103 1.48 -22.91 -1.48
N LEU C 104 2.19 -22.33 -2.44
CA LEU C 104 1.63 -22.19 -3.75
C LEU C 104 1.37 -23.59 -4.32
N ALA C 105 2.25 -24.55 -4.07
CA ALA C 105 2.00 -25.90 -4.55
C ALA C 105 0.63 -26.42 -4.09
N GLU C 106 0.35 -26.28 -2.79
CA GLU C 106 -0.92 -26.74 -2.23
C GLU C 106 -2.10 -25.94 -2.78
N LEU C 107 -1.88 -24.65 -2.98
CA LEU C 107 -2.95 -23.80 -3.53
C LEU C 107 -3.33 -24.26 -4.91
N ARG C 108 -2.34 -24.70 -5.66
CA ARG C 108 -2.50 -25.11 -7.04
C ARG C 108 -3.28 -26.40 -7.10
N GLN C 109 -3.05 -27.27 -6.10
CA GLN C 109 -3.79 -28.53 -5.93
CA GLN C 109 -3.80 -28.53 -6.01
C GLN C 109 -5.25 -28.22 -5.63
N ARG C 110 -5.50 -27.17 -4.87
CA ARG C 110 -6.85 -26.79 -4.50
C ARG C 110 -7.60 -26.38 -5.75
N ILE C 111 -6.97 -25.56 -6.59
CA ILE C 111 -7.56 -25.15 -7.87
C ILE C 111 -7.82 -26.38 -8.75
N ALA C 112 -6.83 -27.26 -8.86
CA ALA C 112 -6.97 -28.44 -9.70
C ALA C 112 -8.12 -29.32 -9.19
N SER C 113 -8.23 -29.41 -7.86
CA SER C 113 -9.30 -30.21 -7.27
C SER C 113 -10.68 -29.68 -7.61
N VAL C 114 -10.86 -28.35 -7.61
CA VAL C 114 -12.18 -27.77 -7.91
C VAL C 114 -12.48 -27.93 -9.38
N LEU C 115 -11.46 -27.77 -10.21
CA LEU C 115 -11.63 -27.96 -11.65
C LEU C 115 -12.10 -29.41 -11.95
N THR C 116 -11.50 -30.35 -11.25
CA THR C 116 -11.88 -31.78 -11.42
C THR C 116 -13.34 -31.99 -10.99
N TYR C 117 -13.71 -31.45 -9.83
CA TYR C 117 -15.11 -31.45 -9.39
C TYR C 117 -16.06 -30.90 -10.45
N LEU C 118 -15.72 -29.73 -10.96
CA LEU C 118 -16.59 -29.07 -11.92
C LEU C 118 -16.73 -29.85 -13.22
N GLU C 119 -15.68 -30.60 -13.59
CA GLU C 119 -15.66 -31.46 -14.77
C GLU C 119 -16.70 -32.55 -14.72
N GLY C 120 -17.08 -32.99 -13.53
CA GLY C 120 -18.06 -34.06 -13.39
C GLY C 120 -19.51 -33.68 -13.60
N PHE C 121 -19.76 -32.42 -13.95
CA PHE C 121 -21.11 -31.92 -14.14
C PHE C 121 -21.45 -31.85 -15.64
N SER C 122 -22.76 -31.87 -15.94
CA SER C 122 -23.30 -31.65 -17.28
C SER C 122 -24.46 -30.69 -17.21
N GLU C 123 -24.87 -30.18 -18.37
CA GLU C 123 -26.07 -29.34 -18.46
C GLU C 123 -27.26 -29.97 -17.73
N ALA C 124 -27.43 -31.28 -17.87
CA ALA C 124 -28.56 -31.94 -17.26
C ALA C 124 -28.63 -31.72 -15.74
N ASP C 125 -27.47 -31.57 -15.10
CA ASP C 125 -27.41 -31.31 -13.65
C ASP C 125 -28.06 -29.97 -13.29
N PHE C 126 -28.24 -29.11 -14.28
CA PHE C 126 -28.84 -27.78 -14.10
C PHE C 126 -30.31 -27.70 -14.48
N ALA C 127 -30.94 -28.88 -14.59
CA ALA C 127 -32.31 -28.99 -15.05
C ALA C 127 -33.28 -28.14 -14.25
N ASN C 128 -33.13 -28.11 -12.94
CA ASN C 128 -34.00 -27.23 -12.14
C ASN C 128 -33.26 -26.15 -11.35
N ALA C 129 -32.06 -25.81 -11.83
CA ALA C 129 -31.20 -24.82 -11.17
C ALA C 129 -31.86 -23.43 -11.09
N ALA C 130 -32.62 -23.06 -12.11
CA ALA C 130 -33.25 -21.76 -12.12
C ALA C 130 -34.24 -21.61 -10.97
N THR C 131 -34.93 -22.69 -10.61
CA THR C 131 -36.00 -22.64 -9.65
C THR C 131 -35.73 -23.21 -8.26
N ILE C 132 -34.61 -23.91 -8.10
CA ILE C 132 -34.20 -24.44 -6.80
C ILE C 132 -34.18 -23.34 -5.73
N GLN C 133 -34.66 -23.65 -4.53
CA GLN C 133 -34.65 -22.67 -3.44
C GLN C 133 -33.39 -22.88 -2.61
N ILE C 134 -32.58 -21.83 -2.48
CA ILE C 134 -31.30 -21.86 -1.77
C ILE C 134 -31.40 -20.99 -0.52
N SER C 135 -30.96 -21.55 0.60
CA SER C 135 -31.03 -20.83 1.88
C SER C 135 -29.81 -21.12 2.75
N GLN C 136 -28.78 -20.31 2.63
CA GLN C 136 -27.54 -20.49 3.42
C GLN C 136 -27.82 -20.36 4.91
N PRO C 137 -26.94 -20.93 5.77
CA PRO C 137 -27.25 -21.05 7.21
C PRO C 137 -27.45 -19.71 7.92
N ARG C 138 -26.59 -18.76 7.57
CA ARG C 138 -26.71 -17.38 8.05
C ARG C 138 -28.04 -16.67 7.64
N TRP C 139 -28.76 -17.20 6.65
CA TRP C 139 -29.97 -16.55 6.14
C TRP C 139 -31.20 -16.79 6.98
N GLN C 140 -31.06 -17.54 8.07
CA GLN C 140 -32.18 -17.77 8.96
C GLN C 140 -33.45 -18.07 8.16
N GLY C 141 -33.34 -18.96 7.18
CA GLY C 141 -34.53 -19.54 6.51
C GLY C 141 -35.09 -18.73 5.34
N LYS C 142 -34.63 -17.50 5.20
CA LYS C 142 -34.96 -16.71 4.01
C LYS C 142 -34.26 -17.39 2.84
N TYR C 143 -34.92 -17.46 1.70
CA TYR C 143 -34.32 -18.08 0.50
C TYR C 143 -34.24 -17.21 -0.77
N LEU C 144 -33.39 -17.64 -1.68
CA LEU C 144 -33.29 -17.06 -3.01
C LEU C 144 -33.56 -18.19 -3.99
N THR C 145 -33.99 -17.86 -5.20
CA THR C 145 -34.02 -18.87 -6.24
C THR C 145 -32.58 -19.07 -6.72
N GLY C 146 -32.33 -20.23 -7.31
CA GLY C 146 -31.02 -20.52 -7.86
C GLY C 146 -30.63 -19.55 -8.95
N TYR C 147 -31.63 -19.08 -9.69
CA TYR C 147 -31.42 -18.03 -10.71
C TYR C 147 -30.89 -16.75 -10.09
N GLU C 148 -31.55 -16.29 -9.05
CA GLU C 148 -31.16 -15.13 -8.31
C GLU C 148 -29.82 -15.33 -7.63
N PHE C 149 -29.65 -16.49 -7.00
CA PHE C 149 -28.38 -16.83 -6.36
C PHE C 149 -27.21 -16.74 -7.33
N ALA C 150 -27.36 -17.33 -8.50
CA ALA C 150 -26.33 -17.27 -9.51
C ALA C 150 -26.00 -15.83 -9.91
N ILE C 151 -27.03 -15.07 -10.25
CA ILE C 151 -26.81 -13.74 -10.76
C ILE C 151 -26.30 -12.80 -9.68
N GLU C 152 -26.87 -12.84 -8.48
CA GLU C 152 -26.64 -11.77 -7.55
C GLU C 152 -25.65 -12.10 -6.45
N HIS C 153 -25.31 -13.38 -6.29
CA HIS C 153 -24.43 -13.80 -5.19
C HIS C 153 -23.18 -14.53 -5.70
N ALA C 154 -23.35 -15.68 -6.34
CA ALA C 154 -22.21 -16.52 -6.75
C ALA C 154 -21.29 -15.87 -7.77
N ILE C 155 -21.87 -15.30 -8.81
CA ILE C 155 -21.05 -14.68 -9.87
C ILE C 155 -20.34 -13.42 -9.35
N PRO C 156 -21.08 -12.50 -8.73
CA PRO C 156 -20.34 -11.39 -8.19
C PRO C 156 -19.25 -11.76 -7.21
N ASN C 157 -19.47 -12.77 -6.37
CA ASN C 157 -18.48 -13.18 -5.40
C ASN C 157 -17.27 -13.81 -6.04
N LEU C 158 -17.49 -14.61 -7.08
CA LEU C 158 -16.37 -15.30 -7.71
C LEU C 158 -15.45 -14.25 -8.32
N TYR C 159 -15.99 -13.30 -9.04
CA TYR C 159 -15.18 -12.24 -9.61
C TYR C 159 -14.54 -11.34 -8.56
N PHE C 160 -15.23 -11.06 -7.46
CA PHE C 160 -14.63 -10.32 -6.34
C PHE C 160 -13.32 -10.87 -5.82
N HIS C 161 -13.32 -12.14 -5.47
CA HIS C 161 -12.16 -12.77 -4.90
C HIS C 161 -11.02 -13.00 -5.87
N ILE C 162 -11.36 -13.32 -7.11
CA ILE C 162 -10.31 -13.46 -8.10
C ILE C 162 -9.67 -12.08 -8.40
N THR C 163 -10.47 -11.04 -8.52
CA THR C 163 -9.97 -9.71 -8.73
C THR C 163 -9.14 -9.21 -7.53
N THR C 164 -9.57 -9.52 -6.29
CA THR C 164 -8.81 -9.16 -5.11
C THR C 164 -7.46 -9.91 -5.10
N ALA C 165 -7.44 -11.16 -5.53
CA ALA C 165 -6.19 -11.90 -5.56
C ALA C 165 -5.30 -11.24 -6.60
N TYR C 166 -5.83 -10.96 -7.79
CA TYR C 166 -5.06 -10.26 -8.84
C TYR C 166 -4.48 -8.97 -8.28
N GLY C 167 -5.30 -8.24 -7.55
CA GLY C 167 -4.98 -6.90 -7.04
C GLY C 167 -3.86 -6.97 -6.03
N ILE C 168 -3.88 -7.97 -5.13
CA ILE C 168 -2.76 -8.16 -4.18
C ILE C 168 -1.44 -8.32 -4.92
N LEU C 169 -1.42 -9.18 -5.94
CA LEU C 169 -0.22 -9.44 -6.76
C LEU C 169 0.20 -8.19 -7.53
N ARG C 170 -0.77 -7.50 -8.13
CA ARG C 170 -0.43 -6.33 -8.88
C ARG C 170 0.18 -5.29 -7.97
N HIS C 171 -0.40 -5.14 -6.79
CA HIS C 171 0.02 -4.14 -5.83
C HIS C 171 1.44 -4.33 -5.38
N ASN C 172 1.86 -5.60 -5.31
CA ASN C 172 3.19 -5.99 -4.90
C ASN C 172 4.21 -5.90 -6.03
N GLY C 173 3.72 -5.69 -7.24
CA GLY C 173 4.59 -5.46 -8.39
C GLY C 173 4.61 -6.55 -9.41
N VAL C 174 3.87 -7.61 -9.18
CA VAL C 174 3.78 -8.65 -10.17
C VAL C 174 3.12 -8.08 -11.44
N GLU C 175 3.72 -8.34 -12.60
CA GLU C 175 3.26 -7.70 -13.85
C GLU C 175 2.15 -8.46 -14.55
N VAL C 176 1.06 -8.60 -13.84
CA VAL C 176 -0.18 -9.17 -14.41
C VAL C 176 -0.93 -8.05 -15.05
N GLY C 177 -1.68 -8.41 -16.10
CA GLY C 177 -2.51 -7.45 -16.83
C GLY C 177 -3.88 -8.03 -17.11
N LYS C 178 -4.71 -7.22 -17.76
CA LYS C 178 -6.10 -7.65 -17.94
C LYS C 178 -6.22 -8.95 -18.66
N LYS C 179 -5.33 -9.21 -19.62
CA LYS C 179 -5.40 -10.49 -20.36
C LYS C 179 -5.20 -11.73 -19.48
N ASP C 180 -4.39 -11.61 -18.43
CA ASP C 180 -4.21 -12.70 -17.48
C ASP C 180 -5.45 -12.99 -16.69
N TYR C 181 -6.22 -11.94 -16.39
CA TYR C 181 -7.47 -12.10 -15.69
C TYR C 181 -8.58 -12.71 -16.60
N LEU C 182 -8.75 -12.17 -17.80
CA LEU C 182 -9.79 -12.64 -18.72
C LEU C 182 -9.50 -13.96 -19.40
N GLY C 183 -8.23 -14.20 -19.72
CA GLY C 183 -7.82 -15.33 -20.54
C GLY C 183 -8.16 -15.09 -22.00
N ALA C 184 -8.09 -16.18 -22.77
CA ALA C 184 -8.24 -16.12 -24.23
C ALA C 184 -9.70 -15.85 -24.61
N PRO C 186 -12.68 -16.43 -27.43
CA PRO C 186 -12.96 -17.41 -28.49
C PRO C 186 -13.26 -16.75 -29.86
N TYR C 187 -12.27 -16.09 -30.42
CA TYR C 187 -12.44 -15.46 -31.73
C TYR C 187 -12.72 -16.49 -32.81
N LYS C 188 -13.62 -16.14 -33.71
CA LYS C 188 -13.91 -16.98 -34.85
C LYS C 188 -13.71 -16.21 -36.13
N ALA C 189 -13.42 -16.91 -37.19
CA ALA C 189 -13.30 -16.35 -38.52
C ALA C 189 -13.41 -17.48 -39.52
N PRO C 190 -13.69 -17.14 -40.79
CA PRO C 190 -13.58 -18.15 -41.87
C PRO C 190 -12.19 -18.64 -42.09
N ILE C 191 -12.10 -19.87 -42.59
CA ILE C 191 -10.86 -20.44 -43.12
C ILE C 191 -10.81 -20.03 -44.61
N LEU C 192 -9.66 -19.54 -45.06
CA LEU C 192 -9.43 -19.30 -46.48
C LEU C 192 -8.67 -20.47 -47.10
N GLU D 13 -39.26 -17.32 -31.26
CA GLU D 13 -38.35 -16.59 -30.32
C GLU D 13 -38.08 -17.35 -29.02
N ASN D 14 -36.94 -17.02 -28.38
CA ASN D 14 -36.43 -17.69 -27.18
C ASN D 14 -36.43 -16.66 -26.02
N LEU D 15 -37.52 -16.65 -25.29
CA LEU D 15 -37.70 -15.72 -24.22
C LEU D 15 -36.80 -16.00 -23.02
N TYR D 16 -36.34 -17.24 -22.85
CA TYR D 16 -35.50 -17.59 -21.71
C TYR D 16 -34.17 -16.87 -21.85
N PHE D 17 -33.62 -16.97 -23.05
CA PHE D 17 -32.41 -16.25 -23.39
C PHE D 17 -32.59 -14.72 -23.31
N GLN D 18 -33.64 -14.18 -23.92
CA GLN D 18 -33.84 -12.75 -23.86
C GLN D 18 -33.87 -12.30 -22.42
N GLY D 19 -34.65 -12.98 -21.59
CA GLY D 19 -34.84 -12.54 -20.19
C GLY D 19 -33.57 -12.67 -19.36
N LEU D 21 -30.40 -12.63 -20.49
CA LEU D 21 -29.35 -11.68 -20.88
C LEU D 21 -29.67 -10.31 -20.35
N TYR D 22 -30.95 -9.97 -20.41
CA TYR D 22 -31.42 -8.72 -19.87
C TYR D 22 -31.08 -8.62 -18.38
N ASP D 23 -31.38 -9.68 -17.64
CA ASP D 23 -31.18 -9.76 -16.20
C ASP D 23 -29.67 -9.72 -15.84
N LEU D 24 -28.87 -10.40 -16.65
CA LEU D 24 -27.41 -10.48 -16.42
C LEU D 24 -26.74 -9.13 -16.62
N THR D 25 -27.28 -8.32 -17.51
CA THR D 25 -26.63 -7.11 -17.96
C THR D 25 -27.40 -5.90 -17.46
N VAL D 26 -28.44 -5.49 -18.17
CA VAL D 26 -29.25 -4.32 -17.75
C VAL D 26 -29.56 -4.33 -16.26
N VAL D 27 -30.12 -5.43 -15.76
CA VAL D 27 -30.65 -5.37 -14.41
C VAL D 27 -29.48 -5.46 -13.41
N GLN D 28 -28.67 -6.50 -13.52
CA GLN D 28 -27.65 -6.70 -12.51
C GLN D 28 -26.49 -5.66 -12.64
N PHE D 29 -26.16 -5.20 -13.84
CA PHE D 29 -25.18 -4.12 -13.97
C PHE D 29 -25.72 -2.84 -13.31
N SER D 30 -27.01 -2.61 -13.43
CA SER D 30 -27.60 -1.46 -12.82
C SER D 30 -27.52 -1.55 -11.31
N LYS D 31 -27.81 -2.73 -10.77
CA LYS D 31 -27.71 -3.02 -9.34
C LYS D 31 -26.28 -2.75 -8.89
N LEU D 33 -23.95 -0.84 -10.19
CA LEU D 33 -23.61 0.56 -10.30
C LEU D 33 -24.26 1.39 -9.20
N LYS D 34 -25.49 1.04 -8.84
CA LYS D 34 -26.08 1.62 -7.65
C LYS D 34 -25.30 1.25 -6.39
N ASN D 35 -24.77 0.02 -6.30
CA ASN D 35 -23.94 -0.34 -5.20
C ASN D 35 -22.66 0.51 -5.16
N LEU D 36 -22.05 0.74 -6.33
CA LEU D 36 -20.85 1.58 -6.44
C LEU D 36 -21.11 2.98 -5.93
N ASN D 37 -22.25 3.52 -6.37
CA ASN D 37 -22.69 4.83 -5.91
CA ASN D 37 -22.71 4.82 -5.91
C ASN D 37 -22.79 4.88 -4.38
N ALA D 38 -23.37 3.83 -3.76
CA ALA D 38 -23.51 3.76 -2.29
C ALA D 38 -22.17 3.66 -1.56
N ILE D 39 -21.26 2.87 -2.12
CA ILE D 39 -19.87 2.80 -1.70
C ILE D 39 -19.24 4.17 -1.60
N PHE D 40 -19.57 5.09 -2.52
CA PHE D 40 -19.03 6.45 -2.43
C PHE D 40 -19.64 7.24 -1.31
N ASP D 41 -20.87 6.94 -0.87
CA ASP D 41 -21.34 7.57 0.36
C ASP D 41 -20.44 7.24 1.54
N LYS D 42 -19.94 6.01 1.63
CA LYS D 42 -19.02 5.63 2.69
C LYS D 42 -17.69 6.32 2.53
N ALA D 43 -17.18 6.36 1.32
CA ALA D 43 -16.02 7.24 1.05
C ALA D 43 -16.18 8.70 1.52
N GLU D 44 -17.31 9.30 1.23
CA GLU D 44 -17.55 10.68 1.69
C GLU D 44 -17.51 10.79 3.22
N ALA D 45 -18.02 9.77 3.90
CA ALA D 45 -18.16 9.83 5.36
C ALA D 45 -16.77 9.72 5.94
N PHE D 46 -15.99 8.80 5.38
CA PHE D 46 -14.61 8.61 5.78
C PHE D 46 -13.82 9.90 5.54
N ALA D 47 -13.95 10.46 4.35
CA ALA D 47 -13.15 11.65 4.03
C ALA D 47 -13.48 12.76 5.04
N GLU D 48 -14.76 12.93 5.36
CA GLU D 48 -15.16 13.95 6.31
C GLU D 48 -14.56 13.68 7.67
N LEU D 49 -14.73 12.48 8.16
CA LEU D 49 -14.28 12.13 9.50
C LEU D 49 -12.75 12.22 9.66
N LYS D 50 -11.99 11.69 8.69
CA LYS D 50 -10.52 11.69 8.73
C LYS D 50 -9.82 12.89 8.11
N LYS D 51 -10.59 13.88 7.68
CA LYS D 51 -10.03 15.09 7.12
C LYS D 51 -9.18 14.83 5.85
N VAL D 52 -9.63 13.90 5.01
CA VAL D 52 -8.98 13.57 3.71
C VAL D 52 -9.77 14.20 2.57
N ASP D 53 -9.11 14.91 1.65
CA ASP D 53 -9.85 15.53 0.53
C ASP D 53 -10.21 14.40 -0.39
N ASP D 55 -10.37 14.32 -3.40
CA ASP D 55 -9.49 14.28 -4.56
C ASP D 55 -8.31 13.30 -4.35
N VAL D 56 -7.81 13.18 -3.12
CA VAL D 56 -6.74 12.19 -2.81
C VAL D 56 -7.24 10.80 -3.10
N LEU D 57 -8.48 10.50 -2.68
CA LEU D 57 -9.03 9.15 -2.88
C LEU D 57 -9.29 8.86 -4.36
N LEU D 58 -9.87 9.84 -5.05
CA LEU D 58 -10.12 9.65 -6.44
C LEU D 58 -8.88 9.42 -7.29
N ASN D 59 -7.76 10.00 -6.87
CA ASN D 59 -6.49 9.87 -7.60
C ASN D 59 -5.66 8.72 -7.11
N SER D 60 -6.24 7.96 -6.22
CA SER D 60 -5.54 6.82 -5.63
CA SER D 60 -5.50 6.82 -5.65
C SER D 60 -5.58 5.58 -6.54
N ARG D 61 -4.62 4.65 -6.34
CA ARG D 61 -4.47 3.50 -7.21
C ARG D 61 -3.83 2.34 -6.45
N LEU D 62 -3.89 1.15 -7.01
CA LEU D 62 -3.26 -0.01 -6.34
C LEU D 62 -1.84 -0.31 -6.81
N ALA D 63 -1.42 0.22 -7.95
CA ALA D 63 -0.04 0.14 -8.36
C ALA D 63 0.30 1.37 -9.17
N ALA D 64 1.60 1.63 -9.32
CA ALA D 64 2.06 2.91 -9.96
C ALA D 64 1.60 3.04 -11.40
N ASP D 65 1.42 1.93 -12.10
CA ASP D 65 0.91 1.99 -13.46
C ASP D 65 -0.45 1.39 -13.67
N GLN D 66 -1.25 1.30 -12.60
CA GLN D 66 -2.62 0.85 -12.74
C GLN D 66 -3.49 2.07 -12.64
N PHE D 67 -4.57 2.09 -13.40
CA PHE D 67 -5.47 3.21 -13.40
C PHE D 67 -6.06 3.48 -12.03
N ASN D 68 -6.31 4.77 -11.79
CA ASN D 68 -6.81 5.28 -10.54
C ASN D 68 -8.33 5.14 -10.35
N LEU D 69 -8.79 5.50 -9.16
CA LEU D 69 -10.15 5.25 -8.78
C LEU D 69 -11.14 5.90 -9.76
N ILE D 70 -10.86 7.14 -10.17
CA ILE D 70 -11.73 7.83 -11.11
C ILE D 70 -11.87 6.98 -12.34
N ARG D 71 -10.75 6.52 -12.86
CA ARG D 71 -10.80 5.66 -14.06
C ARG D 71 -11.51 4.32 -13.87
N GLN D 72 -11.33 3.69 -12.73
CA GLN D 72 -12.03 2.46 -12.46
C GLN D 72 -13.54 2.65 -12.57
N VAL D 73 -14.03 3.78 -12.08
CA VAL D 73 -15.44 4.11 -12.13
C VAL D 73 -15.89 4.40 -13.56
N GLN D 74 -15.13 5.19 -14.31
CA GLN D 74 -15.42 5.42 -15.71
C GLN D 74 -15.47 4.11 -16.51
N ILE D 75 -14.52 3.22 -16.28
CA ILE D 75 -14.46 1.97 -17.04
C ILE D 75 -15.62 1.03 -16.67
N ALA D 76 -15.95 0.97 -15.38
CA ALA D 76 -17.17 0.23 -14.96
C ALA D 76 -18.41 0.76 -15.67
N CYS D 77 -18.57 2.05 -15.68
CA CYS D 77 -19.74 2.63 -16.32
C CYS D 77 -19.79 2.28 -17.80
N ASP D 78 -18.70 2.54 -18.50
CA ASP D 78 -18.68 2.20 -19.93
C ASP D 78 -18.80 0.70 -20.21
N THR D 79 -18.23 -0.13 -19.35
CA THR D 79 -18.33 -1.56 -19.57
C THR D 79 -19.79 -1.94 -19.62
N ALA D 80 -20.56 -1.42 -18.70
CA ALA D 80 -22.03 -1.69 -18.67
C ALA D 80 -22.79 -1.06 -19.87
N LYS D 81 -22.50 0.22 -20.16
CA LYS D 81 -23.17 0.97 -21.18
C LYS D 81 -22.89 0.41 -22.56
N VAL D 82 -21.61 0.32 -22.87
CA VAL D 82 -21.19 -0.14 -24.16
C VAL D 82 -21.46 -1.65 -24.32
N GLY D 83 -21.30 -2.42 -23.25
CA GLY D 83 -21.59 -3.85 -23.33
C GLY D 83 -23.01 -4.13 -23.76
N VAL D 84 -23.96 -3.44 -23.13
CA VAL D 84 -25.35 -3.57 -23.49
C VAL D 84 -25.60 -3.07 -24.91
N ALA D 85 -25.06 -1.90 -25.26
CA ALA D 85 -25.19 -1.39 -26.59
C ALA D 85 -24.71 -2.42 -27.65
N ARG D 86 -23.57 -3.05 -27.43
CA ARG D 86 -23.06 -4.05 -28.39
C ARG D 86 -23.99 -5.27 -28.50
N LEU D 87 -24.41 -5.78 -27.34
CA LEU D 87 -25.24 -6.98 -27.31
C LEU D 87 -26.56 -6.81 -28.08
N THR D 88 -27.08 -5.60 -28.06
CA THR D 88 -28.39 -5.29 -28.58
C THR D 88 -28.26 -4.64 -29.96
N GLY D 89 -27.05 -4.57 -30.50
CA GLY D 89 -26.84 -3.95 -31.80
C GLY D 89 -27.16 -2.46 -31.88
N GLN D 90 -26.92 -1.70 -30.81
CA GLN D 90 -27.25 -0.29 -30.75
C GLN D 90 -26.03 0.55 -30.39
N LEU D 91 -24.85 0.11 -30.83
CA LEU D 91 -23.63 0.83 -30.53
C LEU D 91 -23.65 2.28 -31.10
N GLU D 92 -24.42 2.51 -32.15
CA GLU D 92 -24.61 3.87 -32.68
C GLU D 92 -25.36 4.80 -31.71
N THR D 93 -26.33 4.24 -31.00
CA THR D 93 -27.24 5.02 -30.16
C THR D 93 -26.59 5.34 -28.81
N ALA D 94 -25.46 4.71 -28.51
CA ALA D 94 -24.78 4.88 -27.22
C ALA D 94 -24.31 6.34 -27.08
N PRO D 95 -24.75 7.01 -25.97
CA PRO D 95 -24.20 8.35 -25.69
C PRO D 95 -22.71 8.23 -25.36
N LYS D 96 -21.89 9.10 -25.96
CA LYS D 96 -20.46 9.15 -25.63
C LYS D 96 -20.30 9.95 -24.33
N HIS D 97 -19.50 9.41 -23.42
CA HIS D 97 -19.04 10.11 -22.23
C HIS D 97 -17.55 10.37 -22.52
N ASP D 98 -17.10 11.63 -22.51
CA ASP D 98 -15.66 11.95 -22.42
C ASP D 98 -15.21 11.64 -20.98
N ASP D 99 -13.93 11.34 -20.79
CA ASP D 99 -13.43 10.98 -19.46
C ASP D 99 -12.90 12.20 -18.71
N SER D 100 -13.66 13.28 -18.75
CA SER D 100 -13.23 14.56 -18.19
C SER D 100 -13.59 14.74 -16.72
N GLU D 101 -14.36 13.83 -16.13
CA GLU D 101 -14.74 14.00 -14.72
C GLU D 101 -13.51 14.08 -13.79
N THR D 102 -13.54 15.02 -12.86
CA THR D 102 -12.46 15.10 -11.86
C THR D 102 -12.98 15.13 -10.42
N THR D 103 -14.30 15.25 -10.25
CA THR D 103 -14.93 15.35 -8.92
C THR D 103 -15.93 14.20 -8.69
N LEU D 104 -16.20 13.93 -7.42
CA LEU D 104 -17.15 12.89 -7.10
C LEU D 104 -18.55 13.22 -7.66
N ALA D 105 -18.93 14.50 -7.60
CA ALA D 105 -20.24 14.89 -8.11
C ALA D 105 -20.36 14.50 -9.57
N GLU D 106 -19.32 14.76 -10.36
CA GLU D 106 -19.33 14.42 -11.76
C GLU D 106 -19.38 12.89 -12.00
N LEU D 107 -18.69 12.11 -11.17
CA LEU D 107 -18.72 10.66 -11.30
C LEU D 107 -20.13 10.15 -10.97
N ARG D 108 -20.78 10.74 -9.97
CA ARG D 108 -22.12 10.30 -9.67
C ARG D 108 -23.05 10.62 -10.82
N GLN D 109 -22.83 11.74 -11.50
CA GLN D 109 -23.68 12.09 -12.66
C GLN D 109 -23.47 11.08 -13.75
N ARG D 110 -22.22 10.66 -13.91
CA ARG D 110 -21.94 9.62 -14.90
C ARG D 110 -22.66 8.28 -14.67
N ILE D 111 -22.63 7.80 -13.42
CA ILE D 111 -23.36 6.61 -13.02
C ILE D 111 -24.86 6.79 -13.30
N ALA D 112 -25.43 7.94 -12.91
CA ALA D 112 -26.87 8.24 -13.09
C ALA D 112 -27.25 8.21 -14.58
N SER D 113 -26.36 8.74 -15.40
CA SER D 113 -26.56 8.75 -16.81
C SER D 113 -26.56 7.36 -17.40
N VAL D 114 -25.63 6.50 -17.00
CA VAL D 114 -25.65 5.09 -17.43
C VAL D 114 -26.92 4.36 -16.94
N LEU D 115 -27.27 4.50 -15.67
CA LEU D 115 -28.53 3.90 -15.18
C LEU D 115 -29.74 4.32 -16.00
N THR D 116 -29.83 5.60 -16.34
CA THR D 116 -30.91 6.04 -17.18
C THR D 116 -30.88 5.42 -18.58
N TYR D 117 -29.69 5.32 -19.17
CA TYR D 117 -29.48 4.67 -20.44
C TYR D 117 -30.03 3.25 -20.36
N LEU D 118 -29.68 2.51 -19.31
CA LEU D 118 -30.01 1.10 -19.21
C LEU D 118 -31.50 0.89 -19.00
N GLU D 119 -32.17 1.90 -18.44
CA GLU D 119 -33.60 1.85 -18.25
C GLU D 119 -34.37 1.83 -19.56
N GLY D 120 -33.80 2.37 -20.61
CA GLY D 120 -34.40 2.39 -21.91
C GLY D 120 -34.53 1.07 -22.66
N PHE D 121 -33.93 0.00 -22.16
CA PHE D 121 -33.96 -1.26 -22.89
C PHE D 121 -35.08 -2.17 -22.42
N SER D 122 -35.44 -3.14 -23.25
CA SER D 122 -36.30 -4.26 -22.86
C SER D 122 -35.67 -5.60 -23.23
N GLU D 123 -36.30 -6.68 -22.78
CA GLU D 123 -35.82 -8.03 -23.09
C GLU D 123 -35.78 -8.24 -24.60
N ALA D 124 -36.74 -7.66 -25.32
CA ALA D 124 -36.81 -7.88 -26.76
C ALA D 124 -35.58 -7.33 -27.47
N ASP D 125 -34.90 -6.34 -26.88
CA ASP D 125 -33.66 -5.80 -27.45
C ASP D 125 -32.56 -6.84 -27.52
N PHE D 126 -32.72 -7.93 -26.77
CA PHE D 126 -31.76 -9.01 -26.75
C PHE D 126 -32.09 -10.21 -27.65
N ALA D 127 -33.10 -10.07 -28.50
CA ALA D 127 -33.60 -11.15 -29.34
C ALA D 127 -32.49 -11.83 -30.14
N ASN D 128 -31.59 -11.06 -30.75
CA ASN D 128 -30.50 -11.65 -31.56
C ASN D 128 -29.13 -11.62 -30.90
N ALA D 129 -29.10 -11.36 -29.60
CA ALA D 129 -27.85 -11.21 -28.91
C ALA D 129 -26.98 -12.46 -28.96
N ALA D 130 -27.57 -13.65 -29.10
CA ALA D 130 -26.79 -14.90 -29.14
C ALA D 130 -25.88 -15.01 -30.33
N THR D 131 -26.37 -14.59 -31.50
CA THR D 131 -25.66 -14.76 -32.76
C THR D 131 -25.05 -13.46 -33.34
N ILE D 132 -25.38 -12.31 -32.74
CA ILE D 132 -24.74 -11.07 -33.18
C ILE D 132 -23.23 -11.21 -33.08
N GLN D 133 -22.53 -10.66 -34.06
CA GLN D 133 -21.12 -10.83 -34.17
C GLN D 133 -20.45 -9.55 -33.75
N ILE D 134 -19.60 -9.64 -32.74
CA ILE D 134 -18.97 -8.49 -32.13
C ILE D 134 -17.55 -8.53 -32.61
N SER D 135 -17.17 -7.46 -33.29
CA SER D 135 -15.88 -7.33 -33.93
C SER D 135 -15.37 -5.92 -33.71
N GLN D 136 -14.12 -5.73 -34.05
CA GLN D 136 -13.49 -4.41 -34.02
C GLN D 136 -12.86 -4.23 -35.36
N PRO D 137 -12.51 -3.00 -35.71
CA PRO D 137 -11.68 -2.78 -36.89
C PRO D 137 -10.24 -3.34 -36.70
N ARG D 138 -9.69 -3.21 -35.49
CA ARG D 138 -8.43 -3.89 -35.09
C ARG D 138 -8.38 -5.38 -35.55
N TRP D 139 -9.51 -6.06 -35.32
CA TRP D 139 -9.59 -7.53 -35.35
C TRP D 139 -9.49 -8.18 -36.72
N GLN D 140 -9.77 -7.42 -37.77
CA GLN D 140 -9.64 -7.90 -39.16
C GLN D 140 -10.55 -9.07 -39.49
N GLY D 141 -11.79 -9.01 -39.01
CA GLY D 141 -12.81 -9.95 -39.49
C GLY D 141 -13.13 -11.09 -38.53
N LYS D 142 -12.32 -11.24 -37.49
CA LYS D 142 -12.61 -12.21 -36.46
C LYS D 142 -13.59 -11.59 -35.48
N TYR D 143 -14.44 -12.43 -34.89
CA TYR D 143 -15.53 -11.92 -34.06
C TYR D 143 -15.76 -12.89 -32.91
N LEU D 144 -16.50 -12.41 -31.92
CA LEU D 144 -17.12 -13.19 -30.87
C LEU D 144 -18.62 -13.03 -31.02
N THR D 145 -19.38 -14.04 -30.63
CA THR D 145 -20.82 -13.88 -30.58
C THR D 145 -21.20 -13.01 -29.38
N GLY D 146 -22.38 -12.41 -29.43
CA GLY D 146 -22.85 -11.62 -28.29
C GLY D 146 -22.90 -12.40 -26.98
N TYR D 147 -23.34 -13.65 -27.05
CA TYR D 147 -23.38 -14.55 -25.88
C TYR D 147 -21.97 -14.77 -25.25
N GLU D 148 -20.99 -15.10 -26.07
CA GLU D 148 -19.60 -15.24 -25.60
C GLU D 148 -19.07 -13.94 -25.03
N PHE D 149 -19.34 -12.85 -25.72
CA PHE D 149 -18.87 -11.56 -25.27
C PHE D 149 -19.44 -11.22 -23.89
N ALA D 150 -20.72 -11.48 -23.68
CA ALA D 150 -21.31 -11.19 -22.37
C ALA D 150 -20.61 -11.99 -21.26
N ILE D 151 -20.50 -13.30 -21.47
CA ILE D 151 -20.01 -14.27 -20.46
C ILE D 151 -18.51 -14.08 -20.18
N GLU D 152 -17.74 -13.90 -21.24
CA GLU D 152 -16.28 -13.99 -21.15
C GLU D 152 -15.58 -12.64 -21.09
N HIS D 153 -16.29 -11.55 -21.43
CA HIS D 153 -15.68 -10.21 -21.48
C HIS D 153 -16.42 -9.16 -20.63
N ALA D 154 -17.68 -8.87 -20.96
CA ALA D 154 -18.41 -7.79 -20.26
C ALA D 154 -18.63 -8.11 -18.78
N ILE D 155 -19.15 -9.29 -18.50
CA ILE D 155 -19.42 -9.64 -17.11
C ILE D 155 -18.12 -9.60 -16.25
N PRO D 156 -17.06 -10.36 -16.61
CA PRO D 156 -15.81 -10.30 -15.83
C PRO D 156 -15.23 -8.91 -15.68
N ASN D 157 -15.33 -8.09 -16.73
CA ASN D 157 -14.79 -6.75 -16.69
C ASN D 157 -15.55 -5.84 -15.76
N LEU D 158 -16.88 -5.97 -15.73
CA LEU D 158 -17.68 -5.10 -14.88
C LEU D 158 -17.29 -5.35 -13.44
N TYR D 159 -17.20 -6.63 -13.05
CA TYR D 159 -16.83 -6.95 -11.70
C TYR D 159 -15.36 -6.64 -11.36
N PHE D 160 -14.44 -6.86 -12.29
CA PHE D 160 -13.06 -6.44 -12.12
C PHE D 160 -12.96 -4.96 -11.72
N HIS D 161 -13.60 -4.07 -12.49
CA HIS D 161 -13.37 -2.63 -12.27
C HIS D 161 -14.11 -2.12 -11.01
N ILE D 162 -15.31 -2.64 -10.74
CA ILE D 162 -15.97 -2.30 -9.50
C ILE D 162 -15.19 -2.86 -8.30
N THR D 163 -14.68 -4.08 -8.39
CA THR D 163 -13.90 -4.65 -7.29
C THR D 163 -12.60 -3.87 -7.07
N THR D 164 -11.92 -3.50 -8.16
CA THR D 164 -10.72 -2.68 -8.07
C THR D 164 -11.03 -1.34 -7.39
N ALA D 165 -12.12 -0.67 -7.79
CA ALA D 165 -12.56 0.51 -7.11
C ALA D 165 -12.77 0.32 -5.60
N TYR D 166 -13.51 -0.72 -5.26
CA TYR D 166 -13.77 -1.09 -3.87
C TYR D 166 -12.43 -1.23 -3.11
N GLY D 167 -11.50 -1.93 -3.77
CA GLY D 167 -10.17 -2.22 -3.23
C GLY D 167 -9.32 -1.01 -2.92
N ILE D 168 -9.37 -0.05 -3.83
CA ILE D 168 -8.62 1.19 -3.67
C ILE D 168 -9.16 1.91 -2.42
N LEU D 169 -10.49 1.95 -2.29
CA LEU D 169 -11.05 2.63 -1.15
C LEU D 169 -10.77 1.89 0.19
N ARG D 170 -11.02 0.60 0.19
CA ARG D 170 -10.64 -0.25 1.31
C ARG D 170 -9.17 -0.08 1.74
N HIS D 171 -8.25 -0.08 0.77
CA HIS D 171 -6.80 0.01 1.00
C HIS D 171 -6.41 1.30 1.70
N ASN D 172 -7.22 2.31 1.46
CA ASN D 172 -7.01 3.65 2.00
C ASN D 172 -7.75 3.91 3.33
N GLY D 173 -8.55 2.95 3.78
CA GLY D 173 -9.13 3.00 5.12
C GLY D 173 -10.65 3.12 5.16
N VAL D 174 -11.29 3.28 4.00
CA VAL D 174 -12.73 3.34 3.92
C VAL D 174 -13.38 2.04 4.39
N GLU D 175 -14.37 2.14 5.27
CA GLU D 175 -15.04 0.96 5.83
C GLU D 175 -16.15 0.45 4.91
N VAL D 176 -15.75 -0.13 3.79
CA VAL D 176 -16.65 -0.85 2.90
C VAL D 176 -16.47 -2.31 3.14
N GLY D 177 -17.57 -3.04 3.08
CA GLY D 177 -17.55 -4.48 3.25
C GLY D 177 -18.28 -5.17 2.12
N LYS D 178 -18.32 -6.50 2.20
CA LYS D 178 -18.86 -7.30 1.11
C LYS D 178 -20.32 -6.93 0.83
N LYS D 179 -21.06 -6.58 1.87
CA LYS D 179 -22.46 -6.25 1.71
C LYS D 179 -22.65 -5.02 0.86
N ASP D 180 -21.72 -4.08 0.98
CA ASP D 180 -21.75 -2.86 0.16
C ASP D 180 -21.50 -3.16 -1.30
N TYR D 181 -20.65 -4.16 -1.59
CA TYR D 181 -20.42 -4.58 -2.99
C TYR D 181 -21.61 -5.36 -3.57
N LEU D 182 -22.16 -6.30 -2.80
CA LEU D 182 -23.27 -7.15 -3.30
C LEU D 182 -24.60 -6.43 -3.32
N GLY D 183 -24.84 -5.60 -2.31
CA GLY D 183 -26.08 -4.83 -2.21
C GLY D 183 -27.15 -5.75 -1.64
N ALA D 184 -28.39 -5.28 -1.67
CA ALA D 184 -29.51 -6.05 -1.08
C ALA D 184 -29.83 -7.33 -1.88
N PRO D 186 -32.73 -10.39 -2.85
CA PRO D 186 -34.19 -10.54 -2.88
C PRO D 186 -34.68 -11.71 -2.00
N TYR D 187 -34.35 -11.71 -0.71
CA TYR D 187 -34.71 -12.84 0.12
C TYR D 187 -36.20 -13.01 0.16
N LYS D 188 -36.64 -14.27 0.09
CA LYS D 188 -38.03 -14.60 0.35
C LYS D 188 -38.13 -15.37 1.65
N ALA D 189 -39.22 -15.12 2.37
CA ALA D 189 -39.55 -15.85 3.58
C ALA D 189 -40.28 -17.13 3.19
N PRO D 190 -40.02 -18.22 3.93
CA PRO D 190 -40.85 -19.42 3.88
C PRO D 190 -42.33 -19.15 4.16
#